data_2C5V
#
_entry.id   2C5V
#
_cell.length_a   74.501
_cell.length_b   114.549
_cell.length_c   156.994
_cell.angle_alpha   90.00
_cell.angle_beta   90.00
_cell.angle_gamma   90.00
#
_symmetry.space_group_name_H-M   'P 21 21 21'
#
loop_
_entity.id
_entity.type
_entity.pdbx_description
1 polymer 'CELL DIVISION PROTEIN KINASE 2'
2 polymer 'CYCLIN A2'
3 polymer ALA-ALA-ABA-ARG-SER-LEU-ILE-PFF-NH2
4 non-polymer 4-(2,4-DIMETHYL-1,3-THIAZOL-5-YL)-N-[4-(TRIFLUOROMETHYL)PHENYL]PYRIMIDIN-2-AMINE
5 water water
#
loop_
_entity_poly.entity_id
_entity_poly.type
_entity_poly.pdbx_seq_one_letter_code
_entity_poly.pdbx_strand_id
1 'polypeptide(L)'
;MENFQKVEKIGEGTYGVVYKARNKLTGEVVALKKIRLDTETEGVPSTAIREISLLKELNHPNIVKLLDVIHTENKLYLVF
EFLHQDLKKFMDASALTGIPLPLIKSYLFQLLQGLAFCHSHRVLHRDLKPQNLLINTEGAIKLADFGLARAFGVPVRTYT
HEVVTLWYRAPEILLGCKYYSTAVDIWSLGCIFAEMVTRRALFPGDSEIDQLFRIFRTLGTPDEVVWPGVTSMPDYKPSF
PKWARQDFSKVVPPLDEDGRSLLSQMLHYDPNKRISAKAALAHPFFQDVTKPVPHLRL
;
A,C
2 'polypeptide(L)'
;EVPDYHEDIHTYLREMEVKCKPKVGYMKKQPDITNSMRAILVDWLVEVGEEYKLQNETLHLAVNYIDRFLSSMSVLRGKL
QLVGTAAMLLASKFEEIYPPEVAEFVYITDDTYTKKQVLRMEHLVLKVLTFDLAAPTVNQFLTQYFLHQQPANCKVESLA
MFLGELSLIDADPYLKYLPSVIAGAAFHLALYTVTGQSWPESLIRKTGYTLESLKPCLMDLHQTYLKAPQHAQQSIREKY
KNSKYHGVSLLNPPETLNL
;
B,D
3 'polypeptide(L)' AA(ABA)RSLI(PFF)(NH2) F,H
#
# COMPACT_ATOMS: atom_id res chain seq x y z
N MET A 1 7.67 -12.34 13.92
CA MET A 1 8.19 -12.19 15.30
C MET A 1 9.25 -13.25 15.56
N GLU A 2 9.16 -14.34 14.80
CA GLU A 2 10.13 -15.41 14.84
C GLU A 2 11.48 -15.01 14.27
N ASN A 3 11.59 -13.79 13.74
CA ASN A 3 12.80 -13.36 13.03
C ASN A 3 13.72 -12.45 13.86
N PHE A 4 13.25 -12.14 15.05
CA PHE A 4 14.01 -11.37 15.95
C PHE A 4 14.50 -12.21 17.13
N GLN A 5 15.73 -11.92 17.54
CA GLN A 5 16.34 -12.44 18.74
C GLN A 5 16.38 -11.29 19.73
N LYS A 6 15.53 -11.39 20.74
CA LYS A 6 15.59 -10.42 21.84
C LYS A 6 17.02 -10.40 22.40
N VAL A 7 17.59 -9.24 22.62
CA VAL A 7 18.90 -9.20 23.26
C VAL A 7 18.85 -8.85 24.75
N GLU A 8 18.31 -7.66 25.07
CA GLU A 8 18.25 -7.19 26.44
C GLU A 8 17.21 -6.10 26.58
N LYS A 9 16.58 -5.99 27.75
CA LYS A 9 15.48 -5.06 27.90
C LYS A 9 16.03 -3.65 28.14
N ILE A 10 15.49 -2.65 27.49
CA ILE A 10 16.09 -1.31 27.55
C ILE A 10 15.12 -0.21 27.94
N GLY A 11 14.11 -0.53 28.73
CA GLY A 11 13.33 0.50 29.38
C GLY A 11 11.86 0.17 29.24
N GLU A 12 11.08 0.63 30.21
CA GLU A 12 9.64 0.49 30.17
C GLU A 12 9.07 1.81 29.64
N GLY A 13 7.76 1.91 29.56
CA GLY A 13 7.14 3.19 29.24
C GLY A 13 5.64 3.06 29.12
N THR A 14 5.05 3.91 28.29
CA THR A 14 3.70 3.66 27.83
C THR A 14 3.59 2.11 27.74
N TYR A 15 2.39 1.55 27.62
CA TYR A 15 2.18 0.08 27.59
C TYR A 15 3.14 -0.77 28.42
N GLY A 16 4.08 -1.42 27.71
CA GLY A 16 5.02 -2.36 28.31
C GLY A 16 6.43 -2.24 27.75
N VAL A 17 7.34 -2.87 28.49
CA VAL A 17 8.64 -3.40 28.04
C VAL A 17 9.22 -3.21 26.63
N VAL A 18 10.31 -2.45 26.57
CA VAL A 18 11.03 -2.26 25.31
C VAL A 18 12.28 -3.13 25.25
N TYR A 19 12.43 -3.91 24.18
CA TYR A 19 13.70 -4.61 23.95
C TYR A 19 14.54 -4.14 22.77
N LYS A 20 15.84 -4.02 23.06
CA LYS A 20 16.86 -4.32 22.08
C LYS A 20 16.64 -5.68 21.48
N ALA A 21 16.66 -5.73 20.15
CA ALA A 21 16.47 -7.00 19.49
C ALA A 21 17.07 -6.98 18.08
N ARG A 22 17.42 -8.17 17.57
CA ARG A 22 18.14 -8.21 16.32
C ARG A 22 17.48 -9.14 15.34
N ASN A 23 17.47 -8.72 14.09
CA ASN A 23 16.77 -9.44 13.04
C ASN A 23 17.67 -10.55 12.51
N LYS A 24 17.32 -11.78 12.80
CA LYS A 24 18.26 -12.87 12.56
C LYS A 24 18.68 -13.07 11.09
N LEU A 25 17.94 -12.46 10.17
CA LEU A 25 18.19 -12.63 8.73
C LEU A 25 18.93 -11.46 8.10
N THR A 26 18.87 -10.30 8.74
CA THR A 26 19.45 -9.13 8.17
C THR A 26 20.44 -8.44 9.09
N GLY A 27 20.64 -8.97 10.30
CA GLY A 27 21.48 -8.31 11.31
C GLY A 27 21.01 -7.00 11.90
N GLU A 28 19.92 -6.43 11.39
CA GLU A 28 19.53 -5.08 11.76
C GLU A 28 19.07 -5.15 13.21
N VAL A 29 19.48 -4.16 13.99
CA VAL A 29 19.20 -4.17 15.39
C VAL A 29 18.10 -3.18 15.51
N VAL A 30 17.11 -3.50 16.34
CA VAL A 30 15.91 -2.69 16.44
C VAL A 30 15.55 -2.56 17.89
N ALA A 31 14.51 -1.79 18.13
CA ALA A 31 13.94 -1.67 19.47
C ALA A 31 12.49 -2.12 19.42
N LEU A 32 12.18 -3.23 20.08
CA LEU A 32 10.81 -3.80 20.09
C LEU A 32 10.09 -3.24 21.27
N LYS A 33 8.96 -2.61 21.03
CA LYS A 33 8.07 -2.23 22.12
C LYS A 33 6.87 -3.16 21.99
N LYS A 34 6.67 -3.94 23.04
CA LYS A 34 5.72 -5.03 22.98
C LYS A 34 4.55 -4.74 23.92
N ILE A 35 3.37 -4.62 23.33
CA ILE A 35 2.22 -4.09 24.02
C ILE A 35 1.25 -5.23 24.28
N ARG A 36 0.68 -5.25 25.48
CA ARG A 36 0.34 -6.50 26.17
C ARG A 36 -0.82 -7.31 25.62
N LEU A 37 -1.89 -6.70 25.15
CA LEU A 37 -2.95 -7.39 24.43
C LEU A 37 -3.65 -8.65 25.00
N ASP A 38 -3.37 -9.02 26.26
CA ASP A 38 -4.34 -9.78 27.07
C ASP A 38 -5.58 -8.91 27.20
N THR A 39 -5.65 -7.91 26.33
CA THR A 39 -6.50 -6.72 26.48
C THR A 39 -7.97 -7.00 26.70
N GLU A 40 -8.30 -8.01 27.52
CA GLU A 40 -9.70 -8.22 27.93
C GLU A 40 -10.19 -7.03 28.76
N THR A 41 -10.52 -5.93 28.10
CA THR A 41 -10.48 -4.63 28.74
C THR A 41 -9.93 -3.69 27.70
N GLU A 42 -10.70 -3.36 26.70
CA GLU A 42 -10.55 -2.04 26.09
C GLU A 42 -9.76 -2.18 24.80
N GLY A 43 -9.14 -3.35 24.62
CA GLY A 43 -8.45 -3.65 23.38
C GLY A 43 -7.24 -2.76 23.23
N VAL A 44 -6.78 -2.57 21.99
CA VAL A 44 -5.62 -1.73 21.73
C VAL A 44 -5.70 -0.45 22.52
N PRO A 45 -4.64 -0.17 23.25
CA PRO A 45 -4.63 1.08 23.96
C PRO A 45 -4.70 2.28 23.02
N SER A 46 -5.30 3.37 23.51
CA SER A 46 -5.28 4.63 22.80
C SER A 46 -3.87 5.10 22.53
N THR A 47 -2.94 4.91 23.47
CA THR A 47 -1.60 5.47 23.27
C THR A 47 -0.94 4.83 22.05
N ALA A 48 -1.06 3.49 21.97
CA ALA A 48 -0.54 2.69 20.85
C ALA A 48 -1.12 3.19 19.54
N ILE A 49 -2.43 3.36 19.55
CA ILE A 49 -3.18 3.78 18.38
C ILE A 49 -2.52 5.03 17.85
N ARG A 50 -2.41 6.05 18.69
CA ARG A 50 -1.80 7.31 18.25
C ARG A 50 -0.33 7.18 17.80
N GLU A 51 0.51 6.62 18.65
CA GLU A 51 1.91 6.67 18.37
C GLU A 51 2.11 5.97 17.05
N ILE A 52 1.35 4.92 16.76
CA ILE A 52 1.57 4.24 15.50
C ILE A 52 1.07 5.08 14.33
N SER A 53 -0.17 5.53 14.38
CA SER A 53 -0.72 6.20 13.21
C SER A 53 0.12 7.45 12.91
N LEU A 54 0.57 8.13 13.95
CA LEU A 54 1.22 9.39 13.69
C LEU A 54 2.64 9.13 13.23
N LEU A 55 3.39 8.35 13.99
CA LEU A 55 4.71 7.99 13.54
C LEU A 55 4.70 7.52 12.09
N LYS A 56 3.75 6.66 11.74
CA LYS A 56 3.63 6.23 10.35
C LYS A 56 3.81 7.42 9.43
N GLU A 57 3.11 8.52 9.73
CA GLU A 57 3.03 9.68 8.83
C GLU A 57 4.31 10.45 8.83
N LEU A 58 5.04 10.42 9.94
CA LEU A 58 6.19 11.29 10.14
C LEU A 58 7.48 10.62 9.75
N ASN A 59 8.11 11.13 8.70
CA ASN A 59 9.41 10.58 8.34
C ASN A 59 10.40 11.69 8.18
N HIS A 60 11.28 11.78 9.17
CA HIS A 60 12.26 12.85 9.29
C HIS A 60 13.34 12.41 10.25
N PRO A 61 14.56 12.82 9.93
CA PRO A 61 15.76 12.28 10.54
C PRO A 61 15.85 12.51 12.03
N ASN A 62 15.11 13.48 12.56
CA ASN A 62 15.05 13.68 14.03
C ASN A 62 13.71 13.31 14.66
N ILE A 63 13.05 12.32 14.06
CA ILE A 63 11.90 11.63 14.67
C ILE A 63 12.06 10.12 14.54
N VAL A 64 12.31 9.46 15.66
CA VAL A 64 12.55 8.04 15.65
C VAL A 64 11.63 7.32 14.65
N LYS A 65 12.18 6.36 13.91
CA LYS A 65 11.45 5.70 12.86
C LYS A 65 10.69 4.54 13.43
N LEU A 66 9.41 4.44 13.08
CA LEU A 66 8.70 3.18 13.23
C LEU A 66 9.01 2.25 12.07
N LEU A 67 9.56 1.06 12.31
CA LEU A 67 9.96 0.22 11.16
C LEU A 67 8.89 -0.73 10.69
N ASP A 68 8.04 -1.18 11.60
CA ASP A 68 7.07 -2.21 11.29
C ASP A 68 6.25 -2.27 12.56
N VAL A 69 5.00 -2.70 12.40
CA VAL A 69 4.15 -3.01 13.53
C VAL A 69 3.71 -4.43 13.38
N ILE A 70 3.74 -5.19 14.45
CA ILE A 70 3.50 -6.61 14.32
C ILE A 70 2.30 -6.99 15.14
N HIS A 71 1.29 -7.49 14.43
CA HIS A 71 -0.05 -7.76 14.94
C HIS A 71 -0.24 -9.26 15.18
N THR A 72 -0.41 -9.68 16.43
CA THR A 72 -0.85 -11.04 16.70
C THR A 72 -2.27 -10.98 17.28
N GLU A 73 -3.01 -12.09 17.14
CA GLU A 73 -4.14 -12.36 18.03
C GLU A 73 -3.99 -11.60 19.34
N ASN A 74 -2.87 -11.83 20.01
CA ASN A 74 -2.77 -11.69 21.46
C ASN A 74 -1.72 -10.68 21.91
N LYS A 75 -0.91 -10.15 21.00
CA LYS A 75 0.17 -9.20 21.38
C LYS A 75 0.35 -8.19 20.26
N LEU A 76 0.82 -6.99 20.60
CA LEU A 76 1.14 -6.02 19.53
C LEU A 76 2.58 -5.49 19.58
N TYR A 77 3.35 -5.78 18.53
CA TYR A 77 4.77 -5.41 18.52
C TYR A 77 5.10 -4.17 17.67
N LEU A 78 5.72 -3.17 18.28
CA LEU A 78 6.19 -2.04 17.53
C LEU A 78 7.68 -2.16 17.32
N VAL A 79 8.09 -1.99 16.08
CA VAL A 79 9.47 -2.18 15.76
C VAL A 79 10.11 -0.87 15.40
N PHE A 80 10.99 -0.35 16.25
CA PHE A 80 11.60 0.96 16.01
C PHE A 80 13.07 0.85 15.70
N GLU A 81 13.61 1.81 14.96
CA GLU A 81 15.04 1.82 14.72
C GLU A 81 15.65 1.94 16.11
N PHE A 82 16.74 1.22 16.30
CA PHE A 82 17.41 1.23 17.58
C PHE A 82 18.33 2.43 17.79
N LEU A 83 18.19 3.13 18.91
CA LEU A 83 19.12 4.18 19.24
C LEU A 83 19.56 3.92 20.66
N HIS A 84 20.63 4.59 21.06
CA HIS A 84 21.59 4.06 22.02
C HIS A 84 21.08 4.25 23.43
N GLN A 85 20.82 5.51 23.75
CA GLN A 85 20.15 5.89 24.97
C GLN A 85 19.31 7.10 24.72
N ASP A 86 19.06 7.79 25.81
CA ASP A 86 18.00 8.76 25.90
C ASP A 86 18.61 9.96 26.63
N LEU A 87 18.20 11.17 26.28
CA LEU A 87 18.90 12.35 26.77
C LEU A 87 19.06 12.42 28.30
N LYS A 88 18.05 11.95 29.04
CA LYS A 88 18.07 11.85 30.50
C LYS A 88 19.31 11.17 31.06
N LYS A 89 19.58 9.95 30.61
CA LYS A 89 20.81 9.26 30.97
C LYS A 89 22.02 10.08 30.55
N PHE A 90 22.07 10.49 29.29
CA PHE A 90 23.26 11.21 28.84
C PHE A 90 23.61 12.31 29.85
N MET A 91 22.58 12.98 30.36
CA MET A 91 22.78 14.08 31.28
C MET A 91 23.30 13.66 32.64
N ASP A 92 22.56 12.78 33.32
CA ASP A 92 23.06 12.12 34.53
C ASP A 92 24.52 11.67 34.44
N ALA A 93 24.89 11.07 33.32
CA ALA A 93 26.22 10.52 33.22
C ALA A 93 27.19 11.62 32.86
N SER A 94 26.70 12.72 32.30
CA SER A 94 27.55 13.83 31.86
C SER A 94 27.58 14.91 32.92
N ALA A 95 26.79 14.70 33.97
CA ALA A 95 26.75 15.58 35.13
C ALA A 95 28.15 15.79 35.65
N LEU A 96 28.37 16.87 36.40
CA LEU A 96 29.71 17.11 36.91
C LEU A 96 30.48 17.90 35.84
N THR A 97 30.81 17.22 34.75
CA THR A 97 31.60 17.86 33.71
C THR A 97 30.68 18.66 32.79
N GLY A 98 29.44 18.23 32.67
CA GLY A 98 28.46 18.95 31.85
C GLY A 98 28.62 18.70 30.36
N ILE A 99 27.51 18.85 29.62
CA ILE A 99 27.43 18.57 28.20
C ILE A 99 27.92 19.80 27.47
N PRO A 100 28.99 19.67 26.68
CA PRO A 100 29.61 20.83 26.04
C PRO A 100 28.57 21.68 25.33
N LEU A 101 28.71 22.99 25.43
CA LEU A 101 27.82 23.89 24.69
C LEU A 101 27.50 23.44 23.27
N PRO A 102 28.52 23.13 22.48
CA PRO A 102 28.29 22.91 21.09
C PRO A 102 27.39 21.71 20.83
N LEU A 103 27.28 20.85 21.80
CA LEU A 103 26.51 19.64 21.59
C LEU A 103 25.08 19.97 22.00
N ILE A 104 24.95 20.63 23.15
CA ILE A 104 23.69 21.26 23.49
C ILE A 104 23.07 21.99 22.32
N LYS A 105 23.90 22.67 21.54
CA LYS A 105 23.40 23.62 20.56
C LYS A 105 22.86 22.81 19.41
N SER A 106 23.52 21.68 19.14
CA SER A 106 23.11 20.82 18.03
C SER A 106 21.91 19.98 18.44
N TYR A 107 21.84 19.60 19.70
CA TYR A 107 20.68 18.90 20.19
C TYR A 107 19.47 19.81 20.06
N LEU A 108 19.55 21.01 20.60
CA LEU A 108 18.45 21.95 20.38
C LEU A 108 18.14 22.13 18.90
N PHE A 109 19.18 22.36 18.11
CA PHE A 109 18.97 22.61 16.68
C PHE A 109 18.18 21.50 16.05
N GLN A 110 18.67 20.28 16.29
CA GLN A 110 18.09 19.04 15.80
C GLN A 110 16.65 18.82 16.29
N LEU A 111 16.37 19.08 17.55
CA LEU A 111 14.98 19.01 18.01
C LEU A 111 14.06 19.99 17.29
N LEU A 112 14.40 21.27 17.26
CA LEU A 112 13.55 22.23 16.57
C LEU A 112 13.24 21.76 15.16
N GLN A 113 14.22 21.15 14.53
CA GLN A 113 13.91 20.62 13.21
C GLN A 113 12.77 19.63 13.31
N GLY A 114 12.84 18.69 14.24
CA GLY A 114 11.82 17.62 14.33
C GLY A 114 10.50 18.17 14.81
N LEU A 115 10.50 18.87 15.93
CA LEU A 115 9.32 19.63 16.32
C LEU A 115 8.67 20.31 15.10
N ALA A 116 9.49 20.95 14.27
CA ALA A 116 8.91 21.73 13.17
C ALA A 116 8.25 20.82 12.14
N PHE A 117 8.94 19.76 11.75
CA PHE A 117 8.30 18.75 10.93
C PHE A 117 7.02 18.27 11.54
N CYS A 118 7.04 18.00 12.85
CA CYS A 118 5.85 17.56 13.57
C CYS A 118 4.75 18.58 13.46
N HIS A 119 5.02 19.77 13.96
CA HIS A 119 3.98 20.79 14.02
C HIS A 119 3.37 21.11 12.67
N SER A 120 4.18 21.04 11.63
CA SER A 120 3.75 21.41 10.30
C SER A 120 3.07 20.23 9.60
N HIS A 121 2.73 19.22 10.39
CA HIS A 121 1.87 18.13 9.93
C HIS A 121 0.75 17.96 10.95
N ARG A 122 0.35 19.07 11.56
CA ARG A 122 -0.62 19.01 12.66
C ARG A 122 -0.42 17.78 13.54
N VAL A 123 0.80 17.57 13.99
CA VAL A 123 1.03 16.73 15.16
C VAL A 123 1.64 17.54 16.27
N LEU A 124 1.05 17.31 17.43
CA LEU A 124 1.37 17.93 18.71
C LEU A 124 1.96 16.84 19.59
N HIS A 125 3.15 17.04 20.12
CA HIS A 125 3.84 15.97 20.82
C HIS A 125 3.26 15.71 22.21
N ARG A 126 3.36 16.80 22.96
CA ARG A 126 2.67 17.00 24.25
C ARG A 126 3.48 16.56 25.46
N ASP A 127 4.49 15.74 25.25
CA ASP A 127 5.25 15.19 26.37
C ASP A 127 6.73 15.13 26.01
N LEU A 128 7.28 16.26 25.58
CA LEU A 128 8.73 16.35 25.44
C LEU A 128 9.42 16.43 26.80
N LYS A 129 10.38 15.53 26.97
CA LYS A 129 11.14 15.48 28.17
C LYS A 129 12.27 14.52 27.94
N PRO A 130 13.41 14.74 28.60
CA PRO A 130 14.64 14.07 28.25
C PRO A 130 14.47 12.58 27.97
N GLN A 131 13.65 11.92 28.76
CA GLN A 131 13.55 10.47 28.70
C GLN A 131 12.97 10.07 27.33
N ASN A 132 12.25 10.99 26.69
CA ASN A 132 11.57 10.78 25.42
C ASN A 132 12.34 11.37 24.25
N LEU A 133 13.58 11.73 24.54
CA LEU A 133 14.50 12.26 23.55
C LEU A 133 15.67 11.32 23.48
N LEU A 134 15.92 10.77 22.29
CA LEU A 134 16.79 9.60 22.10
C LEU A 134 17.99 9.96 21.27
N ILE A 135 19.17 9.64 21.79
CA ILE A 135 20.42 9.94 21.10
C ILE A 135 21.14 8.72 20.59
N ASN A 136 22.00 8.94 19.60
CA ASN A 136 22.87 7.89 19.06
C ASN A 136 24.33 8.36 19.11
N THR A 137 25.28 7.50 18.73
CA THR A 137 26.70 7.86 18.79
C THR A 137 27.20 8.75 17.65
N GLU A 138 26.76 8.50 16.43
CA GLU A 138 26.95 9.50 15.38
C GLU A 138 26.50 10.90 15.84
N GLY A 139 25.77 10.99 16.95
CA GLY A 139 25.51 12.27 17.61
C GLY A 139 24.24 13.00 17.16
N ALA A 140 23.30 12.21 16.63
CA ALA A 140 21.95 12.68 16.34
C ALA A 140 21.05 12.60 17.58
N ILE A 141 19.97 13.39 17.58
CA ILE A 141 18.96 13.26 18.61
C ILE A 141 17.62 13.23 17.93
N LYS A 142 16.64 12.63 18.59
CA LYS A 142 15.38 12.37 17.92
C LYS A 142 14.16 12.38 18.84
N LEU A 143 13.04 12.84 18.32
CA LEU A 143 11.78 12.72 19.03
C LEU A 143 11.31 11.27 19.08
N ALA A 144 10.78 10.91 20.23
CA ALA A 144 10.37 9.56 20.48
C ALA A 144 9.24 9.53 21.50
N ASP A 145 8.70 8.35 21.70
CA ASP A 145 7.51 8.18 22.53
C ASP A 145 6.39 9.14 22.11
N PHE A 146 5.64 8.80 21.09
CA PHE A 146 4.58 9.69 20.64
C PHE A 146 3.22 9.26 21.24
N GLY A 147 3.22 8.50 22.32
CA GLY A 147 1.97 7.91 22.82
C GLY A 147 0.88 8.88 23.25
N LEU A 148 1.24 10.13 23.54
CA LEU A 148 0.27 11.14 23.88
C LEU A 148 0.15 12.22 22.80
N ALA A 149 0.85 12.09 21.69
CA ALA A 149 0.78 13.12 20.66
C ALA A 149 -0.63 13.20 20.13
N ARG A 150 -0.96 14.24 19.39
CA ARG A 150 -2.32 14.38 18.95
C ARG A 150 -2.33 15.15 17.66
N ALA A 151 -3.32 14.89 16.82
CA ALA A 151 -3.45 15.58 15.53
C ALA A 151 -4.31 16.80 15.79
N PHE A 152 -3.93 17.96 15.29
CA PHE A 152 -4.71 19.15 15.58
C PHE A 152 -5.31 19.81 14.34
N GLY A 153 -5.82 18.99 13.43
CA GLY A 153 -6.77 19.49 12.45
C GLY A 153 -7.98 20.15 13.09
N VAL A 154 -8.22 19.86 14.37
CA VAL A 154 -9.19 20.62 15.15
C VAL A 154 -8.56 20.89 16.54
N PRO A 155 -8.70 22.12 17.05
CA PRO A 155 -8.03 22.39 18.31
C PRO A 155 -8.19 21.22 19.26
N VAL A 156 -7.11 20.97 20.01
CA VAL A 156 -7.01 19.85 20.90
C VAL A 156 -7.41 20.31 22.30
N ARG A 157 -8.60 19.88 22.71
CA ARG A 157 -9.10 20.04 24.07
C ARG A 157 -8.18 19.47 25.16
N THR A 158 -8.05 20.22 26.25
CA THR A 158 -7.09 19.90 27.31
C THR A 158 -7.62 18.87 28.27
N TYR A 159 -6.72 17.94 28.61
CA TYR A 159 -6.87 16.99 29.73
C TYR A 159 -7.24 17.66 31.07
N THR A 160 -8.47 17.47 31.51
CA THR A 160 -8.89 18.12 32.75
C THR A 160 -8.04 17.63 33.93
N HIS A 161 -7.71 16.34 33.94
CA HIS A 161 -6.78 15.79 34.91
C HIS A 161 -5.59 15.28 34.12
N GLU A 162 -4.53 16.08 34.16
CA GLU A 162 -3.33 15.84 33.37
C GLU A 162 -2.48 14.80 34.08
N VAL A 163 -2.09 13.74 33.38
CA VAL A 163 -1.24 12.71 33.96
C VAL A 163 0.17 12.77 33.35
N VAL A 164 0.46 13.92 32.74
CA VAL A 164 1.60 14.07 31.86
C VAL A 164 2.92 14.24 32.59
N THR A 165 3.32 15.49 32.84
CA THR A 165 4.61 15.75 33.48
C THR A 165 4.48 17.15 34.05
N LEU A 166 5.03 17.41 35.23
CA LEU A 166 4.83 18.74 35.80
C LEU A 166 5.90 19.64 35.25
N TRP A 167 7.12 19.12 35.29
CA TRP A 167 8.29 19.97 35.25
C TRP A 167 8.33 20.70 33.93
N TYR A 168 7.86 20.05 32.88
CA TYR A 168 7.94 20.62 31.54
C TYR A 168 6.63 21.22 31.00
N ARG A 169 5.78 21.70 31.89
CA ARG A 169 4.41 21.96 31.51
C ARG A 169 4.20 23.45 31.35
N ALA A 170 3.36 23.85 30.42
CA ALA A 170 3.40 25.25 30.03
C ALA A 170 2.51 26.03 30.99
N PRO A 171 2.90 27.27 31.34
CA PRO A 171 2.05 28.03 32.24
C PRO A 171 0.61 27.87 31.81
N GLU A 172 0.38 27.99 30.51
CA GLU A 172 -0.98 28.26 30.08
C GLU A 172 -1.88 27.05 30.33
N ILE A 173 -1.29 25.87 30.38
CA ILE A 173 -2.02 24.67 30.76
C ILE A 173 -2.23 24.63 32.28
N LEU A 174 -1.19 24.99 33.02
CA LEU A 174 -1.32 25.22 34.46
C LEU A 174 -2.47 26.13 34.89
N LEU A 175 -2.90 27.07 34.05
CA LEU A 175 -3.89 28.09 34.45
C LEU A 175 -5.28 27.74 33.87
N GLY A 176 -5.33 26.62 33.16
CA GLY A 176 -6.56 25.95 32.79
C GLY A 176 -7.24 26.57 31.58
N CYS A 177 -6.53 26.88 30.50
CA CYS A 177 -7.30 27.14 29.30
C CYS A 177 -7.57 25.80 28.62
N LYS A 178 -8.32 25.87 27.54
CA LYS A 178 -9.24 24.82 27.17
C LYS A 178 -8.53 23.94 26.15
N TYR A 179 -7.55 24.52 25.48
CA TYR A 179 -6.94 23.87 24.33
C TYR A 179 -5.43 23.78 24.50
N TYR A 180 -4.79 22.81 23.86
CA TYR A 180 -3.34 22.91 23.68
C TYR A 180 -2.99 23.77 22.47
N SER A 181 -1.69 23.95 22.25
CA SER A 181 -1.17 24.64 21.06
C SER A 181 0.26 24.18 20.83
N THR A 182 0.72 24.41 19.61
CA THR A 182 2.10 24.07 19.30
C THR A 182 3.03 24.67 20.36
N ALA A 183 2.51 25.69 21.05
CA ALA A 183 3.33 26.49 21.94
C ALA A 183 3.82 25.68 23.14
N VAL A 184 3.16 24.56 23.40
CA VAL A 184 3.43 23.87 24.66
C VAL A 184 4.67 23.07 24.46
N ASP A 185 4.89 22.69 23.20
CA ASP A 185 6.02 21.83 22.87
C ASP A 185 7.28 22.66 22.89
N ILE A 186 7.17 23.92 22.49
CA ILE A 186 8.30 24.85 22.52
C ILE A 186 8.74 25.01 23.96
N TRP A 187 7.76 25.27 24.83
CA TRP A 187 8.01 25.40 26.27
C TRP A 187 8.83 24.22 26.77
N SER A 188 8.37 23.00 26.51
CA SER A 188 8.94 21.85 27.19
C SER A 188 10.38 21.85 26.73
N LEU A 189 10.59 22.31 25.50
CA LEU A 189 11.89 22.23 24.85
C LEU A 189 12.82 23.34 25.37
N GLY A 190 12.31 24.55 25.49
CA GLY A 190 13.04 25.58 26.23
C GLY A 190 13.54 25.14 27.61
N CYS A 191 12.67 24.44 28.36
CA CYS A 191 12.99 23.87 29.69
C CYS A 191 14.06 22.79 29.67
N ILE A 192 14.04 21.98 28.62
CA ILE A 192 15.07 20.97 28.37
C ILE A 192 16.37 21.66 27.91
N PHE A 193 16.23 22.80 27.26
CA PHE A 193 17.38 23.58 26.82
C PHE A 193 18.09 24.06 28.06
N ALA A 194 17.36 24.64 29.00
CA ALA A 194 17.98 25.19 30.20
C ALA A 194 18.57 24.07 31.08
N GLU A 195 17.98 22.88 30.98
CA GLU A 195 18.43 21.74 31.77
C GLU A 195 19.78 21.31 31.26
N MET A 196 19.88 21.00 29.97
CA MET A 196 21.15 20.62 29.43
C MET A 196 22.22 21.60 29.91
N VAL A 197 21.90 22.89 29.96
CA VAL A 197 22.91 23.92 30.22
C VAL A 197 23.35 23.95 31.68
N THR A 198 22.40 24.08 32.59
CA THR A 198 22.73 24.24 33.98
C THR A 198 22.97 22.88 34.61
N ARG A 199 22.83 21.82 33.84
CA ARG A 199 22.87 20.50 34.44
C ARG A 199 21.77 20.24 35.48
N ARG A 200 20.68 21.00 35.51
CA ARG A 200 19.54 20.63 36.35
C ARG A 200 18.22 21.22 35.84
N ALA A 201 17.11 20.66 36.33
CA ALA A 201 15.80 20.95 35.77
C ALA A 201 15.41 22.33 36.19
N LEU A 202 14.61 23.03 35.38
CA LEU A 202 14.39 24.47 35.53
C LEU A 202 13.22 24.71 36.46
N PHE A 203 12.21 23.88 36.32
CA PHE A 203 10.98 24.09 37.09
C PHE A 203 10.48 22.78 37.71
N PRO A 204 11.21 22.28 38.74
CA PRO A 204 10.95 21.02 39.45
C PRO A 204 9.77 21.08 40.44
N GLY A 205 8.56 21.16 39.91
CA GLY A 205 7.41 21.50 40.72
C GLY A 205 7.04 20.27 41.52
N ASP A 206 6.23 20.47 42.56
CA ASP A 206 5.73 19.39 43.39
C ASP A 206 4.22 19.20 43.28
N SER A 207 3.55 20.13 42.61
CA SER A 207 2.18 19.93 42.21
C SER A 207 1.84 21.05 41.28
N GLU A 208 0.72 20.94 40.58
CA GLU A 208 0.27 22.04 39.73
C GLU A 208 0.70 23.34 40.36
N ILE A 209 0.29 23.58 41.60
CA ILE A 209 0.44 24.91 42.16
C ILE A 209 1.89 25.25 42.42
N ASP A 210 2.69 24.30 42.90
CA ASP A 210 4.10 24.63 43.16
C ASP A 210 4.83 24.97 41.87
N GLN A 211 4.47 24.26 40.80
CA GLN A 211 4.99 24.54 39.45
C GLN A 211 4.77 26.00 39.12
N LEU A 212 3.51 26.39 38.95
CA LEU A 212 3.19 27.77 38.65
C LEU A 212 4.20 28.59 39.42
N PHE A 213 4.46 28.21 40.65
CA PHE A 213 5.02 29.20 41.54
C PHE A 213 6.51 29.29 41.32
N ARG A 214 7.10 28.16 40.91
CA ARG A 214 8.49 28.08 40.44
C ARG A 214 8.72 28.87 39.15
N ILE A 215 7.97 28.52 38.11
CA ILE A 215 7.91 29.38 36.93
C ILE A 215 7.91 30.88 37.31
N PHE A 216 6.89 31.32 38.05
CA PHE A 216 6.78 32.72 38.47
C PHE A 216 8.04 33.28 39.12
N ARG A 217 8.72 32.45 39.90
CA ARG A 217 9.82 32.92 40.72
C ARG A 217 11.02 33.19 39.84
N THR A 218 11.07 32.52 38.69
CA THR A 218 12.18 32.72 37.78
C THR A 218 11.82 33.88 36.88
N LEU A 219 10.60 33.83 36.34
CA LEU A 219 10.22 34.56 35.14
C LEU A 219 9.34 35.72 35.55
N GLY A 220 8.93 35.70 36.81
CA GLY A 220 8.09 36.75 37.35
C GLY A 220 6.62 36.61 37.02
N THR A 221 5.81 36.98 37.99
CA THR A 221 4.38 36.76 37.90
C THR A 221 3.76 37.46 36.68
N PRO A 222 3.01 36.73 35.86
CA PRO A 222 2.51 37.36 34.66
C PRO A 222 1.44 38.34 35.03
N ASP A 223 1.25 39.39 34.25
CA ASP A 223 0.14 40.31 34.43
C ASP A 223 -0.38 40.54 33.02
N GLU A 224 -1.33 41.44 32.86
CA GLU A 224 -1.95 41.67 31.56
C GLU A 224 -1.06 42.36 30.52
N VAL A 225 -0.05 43.08 30.96
CA VAL A 225 0.93 43.66 30.03
C VAL A 225 1.61 42.53 29.28
N VAL A 226 2.36 41.71 30.01
CA VAL A 226 3.02 40.55 29.40
C VAL A 226 2.02 39.68 28.64
N TRP A 227 0.98 39.23 29.34
CA TRP A 227 0.12 38.14 28.85
C TRP A 227 -1.33 38.61 28.72
N PRO A 228 -1.61 39.48 27.74
CA PRO A 228 -3.01 39.87 27.66
C PRO A 228 -3.91 38.68 28.00
N GLY A 229 -4.72 38.82 29.05
CA GLY A 229 -5.82 37.89 29.28
C GLY A 229 -5.57 36.93 30.42
N VAL A 230 -4.39 36.96 31.04
CA VAL A 230 -4.05 36.00 32.12
C VAL A 230 -5.08 36.00 33.23
N THR A 231 -5.31 37.22 33.70
CA THR A 231 -6.03 37.50 34.92
C THR A 231 -7.46 36.97 34.84
N SER A 232 -7.86 36.62 33.62
CA SER A 232 -9.16 36.01 33.37
C SER A 232 -9.03 34.56 32.90
N MET A 233 -8.08 33.81 33.44
CA MET A 233 -7.97 32.39 33.10
C MET A 233 -8.45 31.59 34.30
N PRO A 234 -9.16 30.48 34.04
CA PRO A 234 -9.86 29.74 35.08
C PRO A 234 -9.07 29.53 36.38
N ASP A 235 -7.76 29.34 36.33
CA ASP A 235 -7.06 28.98 37.56
C ASP A 235 -6.25 30.12 38.16
N TYR A 236 -6.35 31.27 37.49
CA TYR A 236 -5.64 32.48 37.89
C TYR A 236 -6.21 33.01 39.20
N LYS A 237 -5.37 33.17 40.22
CA LYS A 237 -5.82 33.74 41.49
C LYS A 237 -5.21 35.13 41.75
N PRO A 238 -6.06 36.09 42.16
CA PRO A 238 -5.55 37.43 42.43
C PRO A 238 -4.57 37.45 43.60
N SER A 239 -4.58 36.39 44.39
CA SER A 239 -3.67 36.28 45.52
C SER A 239 -2.25 35.83 45.14
N PHE A 240 -2.03 35.53 43.86
CA PHE A 240 -0.74 35.02 43.44
C PHE A 240 0.30 36.07 43.82
N PRO A 241 1.22 35.72 44.72
CA PRO A 241 2.47 36.45 44.90
C PRO A 241 2.97 37.15 43.65
N LYS A 242 3.37 38.42 43.81
CA LYS A 242 3.96 39.20 42.72
C LYS A 242 5.46 39.32 42.87
N TRP A 243 6.14 38.19 42.60
CA TRP A 243 7.57 38.13 42.35
C TRP A 243 8.01 38.87 41.09
N ALA A 244 9.24 39.32 41.10
CA ALA A 244 9.75 39.99 39.93
C ALA A 244 10.63 39.08 39.07
N ARG A 245 10.68 39.39 37.78
CA ARG A 245 11.43 38.57 36.85
C ARG A 245 12.93 38.71 37.09
N GLN A 246 13.63 37.59 37.08
CA GLN A 246 15.07 37.58 37.27
C GLN A 246 15.87 37.72 35.98
N ASP A 247 16.98 38.45 36.05
CA ASP A 247 18.00 38.52 34.99
C ASP A 247 18.35 37.10 34.57
N PHE A 248 18.02 36.78 33.32
CA PHE A 248 18.31 35.47 32.75
C PHE A 248 19.78 35.10 32.86
N SER A 249 20.64 36.10 32.80
CA SER A 249 22.04 35.83 33.00
C SER A 249 22.20 35.05 34.31
N LYS A 250 21.20 35.17 35.18
CA LYS A 250 21.27 34.56 36.50
C LYS A 250 20.88 33.08 36.48
N VAL A 251 20.12 32.69 35.45
CA VAL A 251 19.42 31.42 35.38
C VAL A 251 20.21 30.45 34.51
N VAL A 252 20.85 30.98 33.48
CA VAL A 252 21.73 30.15 32.67
C VAL A 252 23.01 30.91 32.42
N PRO A 253 23.82 31.09 33.47
CA PRO A 253 25.15 31.68 33.38
C PRO A 253 25.95 31.21 32.14
N PRO A 254 26.19 29.89 32.03
CA PRO A 254 27.09 29.42 30.98
C PRO A 254 26.77 29.93 29.58
N LEU A 255 25.66 30.65 29.43
CA LEU A 255 25.06 30.84 28.11
C LEU A 255 25.38 32.22 27.53
N ASP A 256 25.76 32.25 26.24
CA ASP A 256 26.10 33.49 25.55
C ASP A 256 24.83 34.31 25.34
N GLU A 257 24.95 35.52 24.79
CA GLU A 257 23.79 36.42 24.78
C GLU A 257 22.72 35.87 23.86
N ASP A 258 23.13 35.29 22.74
CA ASP A 258 22.16 34.67 21.83
C ASP A 258 21.35 33.58 22.48
N GLY A 259 22.05 32.68 23.18
CA GLY A 259 21.43 31.57 23.89
C GLY A 259 20.34 32.06 24.81
N ARG A 260 20.60 33.16 25.48
CA ARG A 260 19.61 33.73 26.37
C ARG A 260 18.44 34.29 25.57
N SER A 261 18.70 34.88 24.42
CA SER A 261 17.57 35.49 23.72
C SER A 261 16.60 34.38 23.35
N LEU A 262 17.13 33.33 22.74
CA LEU A 262 16.31 32.20 22.33
C LEU A 262 15.55 31.69 23.53
N LEU A 263 16.33 31.22 24.49
CA LEU A 263 15.75 30.68 25.70
C LEU A 263 14.57 31.52 26.17
N SER A 264 14.68 32.84 26.14
CA SER A 264 13.58 33.65 26.64
C SER A 264 12.39 33.65 25.69
N GLN A 265 12.68 33.71 24.40
CA GLN A 265 11.60 33.70 23.42
C GLN A 265 10.81 32.38 23.47
N MET A 266 11.49 31.29 23.86
CA MET A 266 10.86 29.99 24.01
C MET A 266 10.10 29.89 25.33
N LEU A 267 10.54 30.64 26.33
CA LEU A 267 9.87 30.63 27.63
C LEU A 267 8.95 31.83 27.85
N HIS A 268 8.50 32.47 26.78
CA HIS A 268 7.46 33.49 26.88
C HIS A 268 6.14 33.03 27.46
N TYR A 269 5.53 33.80 28.36
CA TYR A 269 4.27 33.37 28.98
C TYR A 269 3.18 33.11 27.96
N ASP A 270 3.03 34.01 26.99
CA ASP A 270 1.81 34.06 26.17
C ASP A 270 2.10 33.32 24.90
N PRO A 271 1.33 32.25 24.69
CA PRO A 271 1.44 31.26 23.63
C PRO A 271 1.32 31.88 22.27
N ASN A 272 0.71 33.05 22.16
CA ASN A 272 0.77 33.79 20.88
C ASN A 272 2.12 34.33 20.49
N LYS A 273 2.99 34.51 21.47
CA LYS A 273 4.18 35.27 21.22
C LYS A 273 5.38 34.38 21.51
N ARG A 274 5.11 33.18 22.01
CA ARG A 274 6.20 32.25 22.27
C ARG A 274 6.69 31.75 20.92
N ILE A 275 7.99 31.66 20.73
CA ILE A 275 8.51 31.65 19.36
C ILE A 275 8.20 30.31 18.74
N SER A 276 7.82 30.33 17.47
CA SER A 276 7.56 29.10 16.74
C SER A 276 8.87 28.32 16.57
N ALA A 277 8.73 27.03 16.29
CA ALA A 277 9.91 26.22 16.03
C ALA A 277 10.54 26.59 14.69
N LYS A 278 9.73 26.88 13.69
CA LYS A 278 10.24 27.32 12.40
C LYS A 278 11.11 28.58 12.60
N ALA A 279 10.58 29.55 13.34
CA ALA A 279 11.35 30.74 13.69
C ALA A 279 12.66 30.38 14.38
N ALA A 280 12.56 29.69 15.50
CA ALA A 280 13.72 29.49 16.39
C ALA A 280 14.96 29.09 15.60
N LEU A 281 14.72 28.32 14.54
CA LEU A 281 15.81 27.81 13.74
C LEU A 281 16.59 28.94 13.05
N ALA A 282 15.89 29.91 12.48
CA ALA A 282 16.53 31.11 11.93
C ALA A 282 17.36 31.83 13.00
N HIS A 283 17.11 31.55 14.26
CA HIS A 283 17.77 32.32 15.28
C HIS A 283 19.28 32.25 15.17
N PRO A 284 19.97 33.39 15.32
CA PRO A 284 21.44 33.50 15.22
C PRO A 284 22.20 32.56 16.17
N PHE A 285 21.57 32.19 17.28
CA PHE A 285 22.18 31.21 18.14
C PHE A 285 22.64 30.03 17.29
N PHE A 286 22.00 29.80 16.15
CA PHE A 286 22.29 28.60 15.37
C PHE A 286 23.27 28.83 14.23
N GLN A 287 23.76 30.07 14.17
CA GLN A 287 24.78 30.48 13.19
C GLN A 287 25.91 29.49 13.17
N ASP A 288 26.64 29.44 14.27
CA ASP A 288 27.82 28.58 14.40
C ASP A 288 27.60 27.08 14.73
N VAL A 289 26.44 26.53 14.38
CA VAL A 289 26.17 25.13 14.75
C VAL A 289 27.03 24.10 13.99
N THR A 290 27.49 23.10 14.73
CA THR A 290 28.13 21.94 14.15
C THR A 290 27.43 20.66 14.63
N LYS A 291 28.09 19.52 14.48
CA LYS A 291 27.47 18.27 14.87
C LYS A 291 28.44 17.38 15.59
N PRO A 292 28.82 17.77 16.80
CA PRO A 292 29.75 16.99 17.62
C PRO A 292 29.15 15.65 17.96
N VAL A 293 29.99 14.67 18.29
CA VAL A 293 29.52 13.42 18.87
C VAL A 293 29.65 13.41 20.39
N PRO A 294 28.72 12.72 21.07
CA PRO A 294 28.78 12.68 22.50
C PRO A 294 29.80 11.61 22.88
N HIS A 295 30.41 11.75 24.05
CA HIS A 295 31.23 10.70 24.62
C HIS A 295 30.34 9.83 25.50
N LEU A 296 29.85 8.73 24.98
CA LEU A 296 28.71 8.09 25.63
C LEU A 296 29.02 7.31 26.93
N VAL B 2 0.28 28.02 14.18
CA VAL B 2 -1.14 27.89 13.84
C VAL B 2 -1.32 29.19 13.12
N PRO B 3 -0.79 30.21 13.76
CA PRO B 3 -0.47 31.17 12.75
C PRO B 3 0.84 31.04 11.95
N ASP B 4 1.46 29.85 11.82
CA ASP B 4 2.70 29.73 11.01
C ASP B 4 2.67 28.56 10.00
N TYR B 5 2.12 27.43 10.45
CA TYR B 5 2.00 26.21 9.67
C TYR B 5 0.68 26.21 8.91
N HIS B 6 -0.38 26.71 9.54
CA HIS B 6 -1.69 26.86 8.89
C HIS B 6 -1.70 26.43 7.43
N GLU B 7 -1.01 27.22 6.59
CA GLU B 7 -0.79 26.88 5.18
C GLU B 7 -0.13 25.54 4.94
N ASP B 8 1.01 25.30 5.61
CA ASP B 8 1.61 23.98 5.54
C ASP B 8 0.59 22.90 5.89
N ILE B 9 -0.09 23.07 7.03
CA ILE B 9 -1.14 22.15 7.47
C ILE B 9 -2.23 21.98 6.40
N HIS B 10 -2.83 23.11 6.02
CA HIS B 10 -3.89 23.09 5.04
C HIS B 10 -3.39 22.41 3.79
N THR B 11 -2.14 22.65 3.44
CA THR B 11 -1.62 21.96 2.28
C THR B 11 -1.66 20.45 2.49
N TYR B 12 -1.16 20.03 3.65
CA TYR B 12 -0.94 18.63 3.95
C TYR B 12 -2.31 17.96 4.08
N LEU B 13 -3.31 18.61 4.69
CA LEU B 13 -4.59 17.94 4.75
C LEU B 13 -5.08 17.70 3.33
N ARG B 14 -4.82 18.62 2.43
CA ARG B 14 -5.32 18.39 1.10
C ARG B 14 -4.66 17.19 0.46
N GLU B 15 -3.36 17.08 0.66
CA GLU B 15 -2.61 15.88 0.29
C GLU B 15 -3.18 14.60 0.94
N MET B 16 -3.48 14.68 2.23
CA MET B 16 -3.89 13.51 2.98
C MET B 16 -5.27 13.03 2.52
N GLU B 17 -6.19 13.97 2.33
CA GLU B 17 -7.57 13.65 2.01
C GLU B 17 -7.60 12.88 0.72
N VAL B 18 -6.57 13.01 -0.07
CA VAL B 18 -6.55 12.22 -1.28
C VAL B 18 -6.30 10.76 -0.96
N LYS B 19 -5.21 10.49 -0.23
CA LYS B 19 -4.86 9.12 0.14
C LYS B 19 -5.87 8.41 1.07
N CYS B 20 -6.68 9.15 1.81
CA CYS B 20 -7.61 8.58 2.79
C CYS B 20 -9.06 8.38 2.29
N LYS B 21 -9.23 8.11 1.00
CA LYS B 21 -10.53 8.30 0.38
C LYS B 21 -11.08 6.92 0.15
N PRO B 22 -12.31 6.68 0.60
CA PRO B 22 -13.06 5.53 0.13
C PRO B 22 -12.83 5.26 -1.35
N LYS B 23 -13.46 4.21 -1.86
CA LYS B 23 -13.75 4.11 -3.27
C LYS B 23 -15.22 4.49 -3.44
N VAL B 24 -15.57 5.16 -4.53
CA VAL B 24 -16.96 5.64 -4.71
C VAL B 24 -17.94 4.47 -4.96
N GLY B 25 -17.49 3.53 -5.80
CA GLY B 25 -18.33 2.44 -6.25
C GLY B 25 -18.53 1.36 -5.21
N TYR B 26 -18.14 1.62 -3.97
CA TYR B 26 -17.91 0.54 -3.02
C TYR B 26 -19.24 -0.09 -2.68
N MET B 27 -20.28 0.73 -2.61
CA MET B 27 -21.57 0.25 -2.09
C MET B 27 -22.28 -0.76 -3.01
N LYS B 28 -22.07 -0.59 -4.31
CA LYS B 28 -22.71 -1.44 -5.30
C LYS B 28 -21.99 -2.76 -5.43
N LYS B 29 -20.78 -2.83 -4.91
CA LYS B 29 -20.02 -4.06 -4.94
C LYS B 29 -20.14 -4.80 -3.61
N GLN B 30 -20.88 -4.23 -2.67
CA GLN B 30 -21.21 -4.98 -1.46
C GLN B 30 -22.45 -5.81 -1.74
N PRO B 31 -22.27 -7.13 -1.78
CA PRO B 31 -23.42 -8.01 -1.95
C PRO B 31 -24.59 -7.59 -1.06
N ASP B 32 -24.44 -7.58 0.26
CA ASP B 32 -25.60 -7.66 1.18
C ASP B 32 -26.05 -6.30 1.76
N ILE B 33 -25.37 -5.22 1.42
CA ILE B 33 -25.76 -4.00 2.09
C ILE B 33 -25.87 -2.90 1.08
N THR B 34 -26.27 -1.74 1.57
CA THR B 34 -26.88 -0.72 0.73
C THR B 34 -26.78 0.68 1.30
N ASN B 35 -26.72 1.65 0.40
CA ASN B 35 -26.54 3.04 0.82
C ASN B 35 -27.53 3.30 1.95
N SER B 36 -28.76 2.87 1.75
CA SER B 36 -29.75 3.01 2.82
C SER B 36 -29.17 2.53 4.12
N MET B 37 -28.86 1.24 4.14
CA MET B 37 -28.39 0.54 5.31
C MET B 37 -27.34 1.37 6.08
N ARG B 38 -26.41 1.98 5.32
CA ARG B 38 -25.32 2.78 5.87
C ARG B 38 -25.81 4.08 6.51
N ALA B 39 -26.75 4.73 5.83
CA ALA B 39 -27.54 5.81 6.41
C ALA B 39 -28.10 5.43 7.78
N ILE B 40 -28.82 4.32 7.86
CA ILE B 40 -29.44 3.97 9.13
C ILE B 40 -28.31 4.06 10.15
N LEU B 41 -27.15 3.62 9.70
CA LEU B 41 -26.02 3.38 10.61
C LEU B 41 -25.42 4.67 11.16
N VAL B 42 -24.88 5.49 10.25
CA VAL B 42 -24.27 6.79 10.61
C VAL B 42 -25.19 7.61 11.53
N ASP B 43 -26.44 7.75 11.07
CA ASP B 43 -27.53 8.20 11.92
C ASP B 43 -27.39 7.66 13.33
N TRP B 44 -27.28 6.34 13.47
CA TRP B 44 -27.17 5.74 14.80
C TRP B 44 -25.93 6.30 15.51
N LEU B 45 -24.90 6.59 14.72
CA LEU B 45 -23.64 7.03 15.32
C LEU B 45 -23.78 8.44 15.85
N VAL B 46 -24.44 9.27 15.06
CA VAL B 46 -24.80 10.59 15.56
C VAL B 46 -25.34 10.48 16.99
N GLU B 47 -26.28 9.56 17.15
CA GLU B 47 -27.05 9.43 18.39
C GLU B 47 -26.16 8.96 19.53
N VAL B 48 -25.34 7.94 19.26
CA VAL B 48 -24.26 7.56 20.18
C VAL B 48 -23.37 8.77 20.50
N GLY B 49 -23.00 9.50 19.45
CA GLY B 49 -22.21 10.72 19.55
C GLY B 49 -22.70 11.52 20.74
N GLU B 50 -24.00 11.82 20.70
CA GLU B 50 -24.63 12.70 21.67
C GLU B 50 -24.86 12.03 23.04
N GLU B 51 -25.25 10.75 23.04
CA GLU B 51 -25.50 10.08 24.29
C GLU B 51 -24.28 10.10 25.17
N TYR B 52 -23.14 9.78 24.59
CA TYR B 52 -21.88 9.74 25.32
C TYR B 52 -21.15 11.07 25.22
N LYS B 53 -21.84 12.06 24.67
CA LYS B 53 -21.30 13.41 24.61
C LYS B 53 -19.90 13.36 23.99
N LEU B 54 -19.81 13.17 22.69
CA LEU B 54 -18.50 13.01 22.07
C LEU B 54 -18.27 14.17 21.13
N GLN B 55 -17.01 14.59 21.01
CA GLN B 55 -16.65 15.59 20.02
C GLN B 55 -17.11 15.18 18.62
N ASN B 56 -17.45 16.17 17.79
CA ASN B 56 -18.00 15.91 16.47
C ASN B 56 -16.96 15.22 15.61
N GLU B 57 -15.70 15.57 15.79
CA GLU B 57 -14.69 15.00 14.91
C GLU B 57 -14.73 13.47 14.99
N THR B 58 -14.81 12.99 16.22
CA THR B 58 -14.99 11.58 16.49
C THR B 58 -15.96 10.94 15.49
N LEU B 59 -17.08 11.60 15.25
CA LEU B 59 -18.10 10.91 14.48
C LEU B 59 -17.67 10.90 13.03
N HIS B 60 -17.10 12.03 12.61
CA HIS B 60 -16.55 12.16 11.25
C HIS B 60 -15.47 11.15 10.98
N LEU B 61 -14.57 10.96 11.94
CA LEU B 61 -13.59 9.90 11.84
C LEU B 61 -14.31 8.57 11.66
N ALA B 62 -15.22 8.26 12.58
CA ALA B 62 -15.87 6.95 12.59
C ALA B 62 -16.36 6.58 11.20
N VAL B 63 -17.20 7.44 10.62
CA VAL B 63 -17.69 7.21 9.27
C VAL B 63 -16.53 7.02 8.28
N ASN B 64 -15.48 7.82 8.39
CA ASN B 64 -14.42 7.71 7.40
C ASN B 64 -13.86 6.31 7.49
N TYR B 65 -13.61 5.82 8.70
CA TYR B 65 -13.05 4.48 8.92
C TYR B 65 -14.03 3.46 8.27
N ILE B 66 -15.26 3.43 8.76
CA ILE B 66 -16.32 2.63 8.15
C ILE B 66 -16.32 2.61 6.63
N ASP B 67 -16.21 3.77 6.00
CA ASP B 67 -16.33 3.82 4.54
C ASP B 67 -15.16 3.11 3.85
N ARG B 68 -13.97 3.22 4.41
CA ARG B 68 -12.79 2.55 3.89
C ARG B 68 -12.80 1.08 4.31
N PHE B 69 -13.33 0.79 5.50
CA PHE B 69 -13.44 -0.59 5.94
C PHE B 69 -14.40 -1.31 4.99
N LEU B 70 -15.51 -0.66 4.67
CA LEU B 70 -16.43 -1.24 3.70
C LEU B 70 -15.90 -1.25 2.28
N SER B 71 -14.83 -0.53 2.00
CA SER B 71 -14.32 -0.54 0.62
C SER B 71 -13.34 -1.66 0.39
N SER B 72 -13.13 -2.54 1.35
CA SER B 72 -12.26 -3.71 1.10
C SER B 72 -12.86 -5.04 1.52
N MET B 73 -13.97 -4.95 2.23
CA MET B 73 -14.39 -6.08 3.03
C MET B 73 -15.88 -6.21 2.92
N SER B 74 -16.34 -7.31 2.35
CA SER B 74 -17.77 -7.58 2.38
C SER B 74 -18.15 -7.84 3.82
N VAL B 75 -19.34 -7.38 4.15
CA VAL B 75 -19.90 -7.44 5.50
C VAL B 75 -21.33 -7.86 5.28
N LEU B 76 -21.90 -8.49 6.28
CA LEU B 76 -23.32 -8.83 6.18
C LEU B 76 -24.08 -7.86 7.06
N ARG B 77 -25.35 -7.69 6.76
CA ARG B 77 -26.08 -6.64 7.41
C ARG B 77 -26.13 -6.86 8.93
N GLY B 78 -25.98 -8.11 9.37
CA GLY B 78 -25.97 -8.42 10.79
C GLY B 78 -24.76 -7.89 11.53
N LYS B 79 -23.78 -7.43 10.78
CA LYS B 79 -22.44 -7.24 11.33
C LYS B 79 -21.96 -5.80 11.08
N LEU B 80 -22.69 -5.13 10.20
CA LEU B 80 -22.55 -3.69 10.06
C LEU B 80 -22.56 -2.93 11.40
N GLN B 81 -23.60 -3.10 12.21
CA GLN B 81 -23.68 -2.30 13.43
C GLN B 81 -22.44 -2.58 14.26
N LEU B 82 -21.71 -3.61 13.89
CA LEU B 82 -20.58 -4.02 14.71
C LEU B 82 -19.37 -3.21 14.22
N VAL B 83 -19.19 -3.28 12.91
CA VAL B 83 -18.20 -2.47 12.20
C VAL B 83 -18.33 -1.02 12.66
N GLY B 84 -19.58 -0.58 12.81
CA GLY B 84 -19.79 0.81 13.19
C GLY B 84 -19.36 1.01 14.63
N THR B 85 -19.75 0.08 15.48
CA THR B 85 -19.37 0.16 16.87
C THR B 85 -17.84 0.21 17.04
N ALA B 86 -17.12 -0.66 16.34
CA ALA B 86 -15.66 -0.64 16.41
C ALA B 86 -15.11 0.59 15.72
N ALA B 87 -15.63 0.98 14.58
CA ALA B 87 -15.14 2.25 14.06
C ALA B 87 -15.28 3.37 15.11
N MET B 88 -16.43 3.43 15.77
CA MET B 88 -16.64 4.45 16.77
C MET B 88 -15.68 4.28 17.95
N LEU B 89 -15.55 3.07 18.46
CA LEU B 89 -14.62 2.86 19.55
C LEU B 89 -13.25 3.44 19.23
N LEU B 90 -12.73 3.03 18.08
CA LEU B 90 -11.41 3.44 17.65
C LEU B 90 -11.28 4.94 17.59
N ALA B 91 -12.16 5.61 16.86
CA ALA B 91 -12.05 7.05 16.75
C ALA B 91 -12.10 7.72 18.10
N SER B 92 -12.89 7.16 19.01
CA SER B 92 -12.97 7.72 20.34
C SER B 92 -11.63 7.56 20.97
N LYS B 93 -10.98 6.44 20.70
CA LYS B 93 -9.67 6.17 21.25
C LYS B 93 -8.64 7.14 20.64
N PHE B 94 -8.94 7.62 19.44
CA PHE B 94 -7.97 8.42 18.70
C PHE B 94 -8.13 9.91 18.97
N GLU B 95 -9.36 10.35 19.11
CA GLU B 95 -9.63 11.76 19.20
C GLU B 95 -10.10 12.25 20.57
N GLU B 96 -10.60 11.37 21.44
CA GLU B 96 -11.08 11.82 22.74
C GLU B 96 -10.09 11.67 23.90
N ILE B 97 -10.24 12.57 24.87
CA ILE B 97 -9.36 12.63 26.02
C ILE B 97 -9.42 11.37 26.88
N TYR B 98 -10.63 11.01 27.33
CA TYR B 98 -11.03 9.59 27.50
C TYR B 98 -12.30 9.19 26.77
N PRO B 99 -12.23 8.02 26.16
CA PRO B 99 -13.27 7.35 25.43
C PRO B 99 -14.12 6.50 26.36
N PRO B 100 -15.42 6.42 26.06
CA PRO B 100 -16.27 5.41 26.61
C PRO B 100 -15.52 4.10 26.70
N GLU B 101 -15.77 3.37 27.79
CA GLU B 101 -15.31 2.00 27.89
C GLU B 101 -15.91 1.16 26.77
N VAL B 102 -15.36 -0.03 26.59
CA VAL B 102 -15.86 -0.94 25.60
C VAL B 102 -17.24 -1.41 26.03
N ALA B 103 -17.41 -1.52 27.35
CA ALA B 103 -18.66 -2.05 27.90
C ALA B 103 -19.82 -1.21 27.40
N GLU B 104 -19.67 0.10 27.53
CA GLU B 104 -20.68 1.01 27.08
C GLU B 104 -20.96 0.76 25.62
N PHE B 105 -19.92 0.61 24.81
CA PHE B 105 -20.12 0.52 23.37
C PHE B 105 -20.88 -0.75 23.07
N VAL B 106 -20.69 -1.76 23.92
CA VAL B 106 -21.41 -3.04 23.79
C VAL B 106 -22.86 -2.82 24.22
N TYR B 107 -22.99 -2.16 25.38
CA TYR B 107 -24.29 -1.80 25.90
C TYR B 107 -25.16 -1.13 24.83
N ILE B 108 -24.60 -0.11 24.19
CA ILE B 108 -25.34 0.78 23.31
C ILE B 108 -25.84 0.04 22.08
N THR B 109 -25.49 -1.22 21.93
CA THR B 109 -25.97 -1.99 20.77
C THR B 109 -27.13 -2.91 21.13
N ASP B 110 -27.55 -2.85 22.39
CA ASP B 110 -28.49 -3.84 22.93
C ASP B 110 -27.82 -5.21 23.02
N ASP B 111 -26.70 -5.21 23.73
CA ASP B 111 -25.80 -6.35 23.81
C ASP B 111 -26.03 -7.29 22.65
N THR B 112 -26.30 -6.74 21.47
CA THR B 112 -26.37 -7.62 20.31
C THR B 112 -25.04 -8.31 19.98
N TYR B 113 -23.94 -7.74 20.45
CA TYR B 113 -22.62 -8.32 20.21
C TYR B 113 -21.92 -8.36 21.57
N THR B 114 -20.74 -8.95 21.65
CA THR B 114 -20.11 -9.09 22.96
C THR B 114 -18.79 -8.35 23.02
N LYS B 115 -18.32 -8.13 24.25
CA LYS B 115 -17.13 -7.34 24.39
C LYS B 115 -16.06 -7.96 23.50
N LYS B 116 -15.97 -9.28 23.50
CA LYS B 116 -14.85 -9.90 22.82
C LYS B 116 -15.11 -9.79 21.35
N GLN B 117 -16.38 -9.72 20.96
CA GLN B 117 -16.72 -9.46 19.57
C GLN B 117 -16.28 -8.06 19.16
N VAL B 118 -16.62 -7.07 19.97
CA VAL B 118 -16.31 -5.69 19.59
C VAL B 118 -14.79 -5.51 19.52
N LEU B 119 -14.11 -6.14 20.47
CA LEU B 119 -12.65 -6.05 20.58
C LEU B 119 -11.95 -6.74 19.43
N ARG B 120 -12.47 -7.90 19.02
CA ARG B 120 -11.94 -8.56 17.84
C ARG B 120 -12.07 -7.67 16.62
N MET B 121 -13.22 -7.06 16.43
CA MET B 121 -13.39 -6.21 15.23
C MET B 121 -12.49 -4.97 15.22
N GLU B 122 -12.36 -4.30 16.36
CA GLU B 122 -11.41 -3.20 16.54
C GLU B 122 -10.13 -3.59 15.79
N HIS B 123 -9.65 -4.78 16.14
CA HIS B 123 -8.38 -5.27 15.62
C HIS B 123 -8.46 -5.38 14.10
N LEU B 124 -9.50 -6.02 13.61
CA LEU B 124 -9.57 -6.26 12.19
C LEU B 124 -9.62 -4.90 11.53
N VAL B 125 -10.43 -4.01 12.08
CA VAL B 125 -10.51 -2.69 11.50
C VAL B 125 -9.13 -2.07 11.43
N LEU B 126 -8.36 -2.14 12.50
CA LEU B 126 -7.00 -1.57 12.46
C LEU B 126 -6.22 -2.23 11.36
N LYS B 127 -6.13 -3.56 11.43
CA LYS B 127 -5.52 -4.34 10.38
C LYS B 127 -5.86 -3.73 9.01
N VAL B 128 -7.14 -3.47 8.76
CA VAL B 128 -7.58 -3.14 7.40
C VAL B 128 -7.22 -1.73 6.95
N LEU B 129 -7.29 -0.79 7.88
CA LEU B 129 -6.79 0.55 7.67
C LEU B 129 -5.26 0.63 7.76
N THR B 130 -4.60 -0.52 7.92
CA THR B 130 -3.15 -0.58 8.16
C THR B 130 -2.76 0.55 9.12
N PHE B 131 -3.61 0.70 10.11
CA PHE B 131 -3.40 1.66 11.15
C PHE B 131 -3.47 3.11 10.82
N ASP B 132 -3.92 3.48 9.64
CA ASP B 132 -3.94 4.87 9.25
C ASP B 132 -5.24 5.55 9.68
N LEU B 133 -5.17 6.36 10.72
CA LEU B 133 -6.36 6.83 11.40
C LEU B 133 -6.50 8.35 11.38
N ALA B 134 -5.43 9.10 11.09
CA ALA B 134 -5.53 10.56 11.18
C ALA B 134 -6.10 11.16 9.90
N ALA B 135 -7.26 10.66 9.48
CA ALA B 135 -7.84 11.13 8.23
C ALA B 135 -8.36 12.51 8.41
N PRO B 136 -8.03 13.38 7.47
CA PRO B 136 -8.66 14.68 7.30
C PRO B 136 -10.17 14.50 7.19
N THR B 137 -10.93 15.38 7.82
CA THR B 137 -12.35 15.33 7.66
C THR B 137 -12.87 16.68 7.29
N VAL B 138 -14.11 16.69 6.81
CA VAL B 138 -14.88 17.92 6.62
C VAL B 138 -14.74 18.80 7.85
N ASN B 139 -15.08 18.26 9.01
CA ASN B 139 -15.05 19.06 10.24
C ASN B 139 -13.71 19.73 10.53
N GLN B 140 -12.62 19.19 9.97
CA GLN B 140 -11.33 19.85 10.07
C GLN B 140 -11.22 21.04 9.13
N PHE B 141 -11.63 20.84 7.88
CA PHE B 141 -11.54 21.91 6.93
C PHE B 141 -12.54 23.03 7.25
N LEU B 142 -13.63 22.73 7.95
CA LEU B 142 -14.58 23.79 8.29
C LEU B 142 -13.89 24.71 9.27
N THR B 143 -13.04 24.10 10.07
CA THR B 143 -12.46 24.77 11.21
C THR B 143 -11.30 25.63 10.68
N GLN B 144 -10.62 25.11 9.68
CA GLN B 144 -9.62 25.88 8.96
C GLN B 144 -10.39 26.99 8.26
N TYR B 145 -11.41 26.64 7.51
CA TYR B 145 -12.18 27.66 6.78
C TYR B 145 -12.65 28.76 7.71
N PHE B 146 -13.09 28.39 8.91
CA PHE B 146 -13.79 29.32 9.78
C PHE B 146 -12.89 30.47 10.20
N LEU B 147 -11.59 30.30 10.06
CA LEU B 147 -10.72 31.45 10.33
C LEU B 147 -10.97 32.67 9.44
N HIS B 148 -11.51 32.43 8.25
CA HIS B 148 -11.58 33.45 7.20
C HIS B 148 -12.97 34.10 7.11
N GLN B 149 -13.78 33.90 8.15
CA GLN B 149 -14.98 34.68 8.29
C GLN B 149 -14.53 36.11 8.59
N GLN B 150 -15.30 37.09 8.11
CA GLN B 150 -15.09 38.51 8.49
C GLN B 150 -16.41 39.25 8.57
N PRO B 151 -16.96 39.35 9.79
CA PRO B 151 -16.35 38.76 10.96
C PRO B 151 -16.90 37.37 11.29
N ALA B 152 -16.60 36.89 12.50
CA ALA B 152 -17.13 35.63 13.01
C ALA B 152 -18.64 35.66 13.28
N ASN B 153 -19.24 34.47 13.34
CA ASN B 153 -20.68 34.33 13.44
C ASN B 153 -21.06 32.87 13.80
N CYS B 154 -21.46 32.68 15.04
CA CYS B 154 -21.80 31.34 15.54
C CYS B 154 -22.82 30.60 14.68
N LYS B 155 -23.96 31.25 14.44
CA LYS B 155 -24.97 30.70 13.55
C LYS B 155 -24.26 30.13 12.34
N VAL B 156 -23.43 30.92 11.68
CA VAL B 156 -22.85 30.45 10.43
C VAL B 156 -22.11 29.16 10.71
N GLU B 157 -21.27 29.18 11.74
CA GLU B 157 -20.44 28.02 12.05
C GLU B 157 -21.26 26.78 12.30
N SER B 158 -22.20 26.88 13.24
CA SER B 158 -23.07 25.77 13.59
C SER B 158 -23.79 25.30 12.32
N LEU B 159 -24.27 26.23 11.52
CA LEU B 159 -24.94 25.84 10.30
C LEU B 159 -24.01 25.05 9.42
N ALA B 160 -22.82 25.57 9.17
CA ALA B 160 -21.92 24.84 8.28
C ALA B 160 -21.65 23.44 8.83
N MET B 161 -21.45 23.36 10.13
CA MET B 161 -21.26 22.08 10.80
C MET B 161 -22.36 21.11 10.39
N PHE B 162 -23.58 21.58 10.61
CA PHE B 162 -24.77 20.75 10.53
C PHE B 162 -24.90 20.15 9.16
N LEU B 163 -24.83 21.01 8.15
CA LEU B 163 -24.71 20.59 6.75
C LEU B 163 -23.58 19.59 6.55
N GLY B 164 -22.44 19.82 7.22
CA GLY B 164 -21.31 18.91 7.15
C GLY B 164 -21.74 17.49 7.52
N GLU B 165 -22.24 17.37 8.75
CA GLU B 165 -22.72 16.10 9.26
C GLU B 165 -23.81 15.53 8.38
N LEU B 166 -24.62 16.40 7.82
CA LEU B 166 -25.69 15.90 6.98
C LEU B 166 -25.08 15.18 5.79
N SER B 167 -23.94 15.66 5.30
CA SER B 167 -23.32 15.02 4.15
C SER B 167 -22.84 13.61 4.49
N LEU B 168 -22.69 13.35 5.79
CA LEU B 168 -22.16 12.06 6.27
C LEU B 168 -23.04 10.86 5.94
N ILE B 169 -24.30 11.15 5.62
CA ILE B 169 -25.36 10.19 5.78
C ILE B 169 -25.68 9.56 4.43
N ASP B 170 -25.32 10.28 3.38
CA ASP B 170 -25.76 9.88 2.03
C ASP B 170 -24.57 9.75 1.09
N ALA B 171 -23.89 8.62 1.20
CA ALA B 171 -22.91 8.16 0.23
C ALA B 171 -23.23 8.60 -1.20
N ASP B 172 -24.51 8.87 -1.47
CA ASP B 172 -24.87 9.35 -2.79
C ASP B 172 -25.52 10.70 -2.73
N PRO B 173 -24.81 11.77 -3.14
CA PRO B 173 -23.58 11.66 -3.89
C PRO B 173 -22.37 12.13 -3.09
N TYR B 174 -22.38 12.02 -1.76
CA TYR B 174 -21.35 12.71 -0.99
C TYR B 174 -19.99 12.04 -1.02
N LEU B 175 -19.93 10.81 -1.53
CA LEU B 175 -18.67 10.10 -1.63
C LEU B 175 -17.83 10.51 -2.83
N LYS B 176 -18.44 11.13 -3.82
CA LYS B 176 -17.70 11.61 -4.99
C LYS B 176 -16.98 12.93 -4.72
N TYR B 177 -17.34 13.55 -3.59
CA TYR B 177 -16.66 14.77 -3.15
C TYR B 177 -15.64 14.54 -2.04
N LEU B 178 -14.47 15.15 -2.24
CA LEU B 178 -13.47 15.36 -1.22
C LEU B 178 -13.99 16.24 -0.09
N PRO B 179 -13.57 15.97 1.16
CA PRO B 179 -14.05 16.73 2.33
C PRO B 179 -13.80 18.22 2.21
N SER B 180 -12.61 18.57 1.75
CA SER B 180 -12.23 19.97 1.58
C SER B 180 -13.26 20.71 0.72
N VAL B 181 -13.89 19.98 -0.17
CA VAL B 181 -14.91 20.54 -1.06
C VAL B 181 -16.28 20.65 -0.38
N ILE B 182 -16.80 19.51 0.05
CA ILE B 182 -17.97 19.49 0.90
C ILE B 182 -17.89 20.56 1.97
N ALA B 183 -16.69 20.82 2.48
CA ALA B 183 -16.54 21.74 3.61
C ALA B 183 -16.66 23.17 3.13
N GLY B 184 -16.13 23.42 1.94
CA GLY B 184 -16.44 24.65 1.21
C GLY B 184 -17.92 24.88 0.93
N ALA B 185 -18.48 24.10 0.01
CA ALA B 185 -19.93 23.91 -0.08
C ALA B 185 -20.65 24.25 1.21
N ALA B 186 -20.44 23.44 2.25
CA ALA B 186 -21.21 23.70 3.46
C ALA B 186 -20.94 25.13 3.94
N PHE B 187 -19.73 25.61 3.69
CA PHE B 187 -19.35 26.90 4.23
C PHE B 187 -20.09 28.01 3.50
N HIS B 188 -20.19 27.87 2.19
CA HIS B 188 -20.77 28.93 1.41
C HIS B 188 -22.26 28.94 1.67
N LEU B 189 -22.88 27.77 1.62
CA LEU B 189 -24.27 27.65 2.01
C LEU B 189 -24.56 28.26 3.39
N ALA B 190 -23.75 27.97 4.39
CA ALA B 190 -24.07 28.48 5.71
C ALA B 190 -23.93 30.00 5.68
N LEU B 191 -22.79 30.50 5.26
CA LEU B 191 -22.66 31.92 4.98
C LEU B 191 -23.95 32.44 4.35
N TYR B 192 -24.27 31.85 3.21
CA TYR B 192 -25.27 32.40 2.30
C TYR B 192 -26.53 32.50 3.11
N THR B 193 -26.83 31.41 3.78
CA THR B 193 -28.11 31.26 4.38
C THR B 193 -28.29 32.29 5.49
N VAL B 194 -27.26 32.58 6.28
CA VAL B 194 -27.51 33.40 7.46
C VAL B 194 -27.41 34.89 7.14
N THR B 195 -26.48 35.23 6.26
CA THR B 195 -26.07 36.61 6.06
C THR B 195 -26.09 36.99 4.60
N GLY B 196 -26.43 36.06 3.71
CA GLY B 196 -26.45 36.32 2.27
C GLY B 196 -25.12 36.55 1.57
N GLN B 197 -24.03 36.57 2.36
CA GLN B 197 -22.66 36.67 1.86
C GLN B 197 -22.21 35.38 1.16
N SER B 198 -20.96 35.33 0.70
CA SER B 198 -20.52 34.20 -0.10
C SER B 198 -19.07 33.76 0.14
N TRP B 199 -18.72 32.65 -0.51
CA TRP B 199 -17.45 31.97 -0.33
C TRP B 199 -16.30 32.92 -0.69
N PRO B 200 -15.53 33.39 0.32
CA PRO B 200 -14.75 34.63 0.28
C PRO B 200 -13.50 34.56 -0.58
N GLU B 201 -12.98 35.70 -1.03
CA GLU B 201 -11.79 35.66 -1.87
C GLU B 201 -10.60 35.07 -1.11
N SER B 202 -10.50 35.34 0.20
CA SER B 202 -9.40 34.79 0.98
C SER B 202 -9.35 33.29 0.78
N LEU B 203 -10.53 32.68 0.73
CA LEU B 203 -10.61 31.24 0.76
C LEU B 203 -10.46 30.69 -0.64
N ILE B 204 -10.90 31.48 -1.60
CA ILE B 204 -10.79 31.08 -3.00
C ILE B 204 -9.34 31.04 -3.39
N ARG B 205 -8.60 31.99 -2.84
CA ARG B 205 -7.19 32.12 -3.15
C ARG B 205 -6.36 31.07 -2.40
N LYS B 206 -6.65 30.87 -1.11
CA LYS B 206 -6.11 29.73 -0.36
C LYS B 206 -6.48 28.41 -1.03
N THR B 207 -7.77 28.16 -1.26
CA THR B 207 -8.19 26.79 -1.54
C THR B 207 -8.05 26.44 -3.00
N GLY B 208 -7.75 27.44 -3.83
CA GLY B 208 -7.88 27.29 -5.27
C GLY B 208 -9.28 26.99 -5.77
N TYR B 209 -10.24 26.86 -4.87
CA TYR B 209 -11.63 26.66 -5.28
C TYR B 209 -12.42 27.97 -5.48
N THR B 210 -12.53 28.40 -6.72
CA THR B 210 -13.59 29.33 -7.10
C THR B 210 -15.01 28.80 -6.78
N LEU B 211 -15.95 29.71 -6.56
CA LEU B 211 -17.36 29.32 -6.31
C LEU B 211 -17.84 28.31 -7.35
N GLU B 212 -17.65 28.64 -8.61
CA GLU B 212 -18.14 27.82 -9.69
C GLU B 212 -17.60 26.39 -9.58
N SER B 213 -16.35 26.23 -9.15
CA SER B 213 -15.82 24.88 -8.97
C SER B 213 -16.58 24.13 -7.90
N LEU B 214 -17.25 24.84 -7.01
CA LEU B 214 -18.04 24.19 -5.97
C LEU B 214 -19.40 23.74 -6.49
N LYS B 215 -19.91 24.46 -7.48
CA LYS B 215 -21.34 24.40 -7.78
C LYS B 215 -21.88 22.96 -7.74
N PRO B 216 -21.22 22.01 -8.41
CA PRO B 216 -21.73 20.63 -8.36
C PRO B 216 -22.03 20.22 -6.94
N CYS B 217 -21.03 20.30 -6.10
CA CYS B 217 -21.17 19.80 -4.74
C CYS B 217 -22.18 20.64 -3.98
N LEU B 218 -22.06 21.94 -4.18
CA LEU B 218 -22.98 22.88 -3.58
C LEU B 218 -24.43 22.50 -3.87
N MET B 219 -24.73 22.11 -5.10
CA MET B 219 -26.11 21.84 -5.52
C MET B 219 -26.72 20.68 -4.73
N ASP B 220 -26.03 19.53 -4.70
CA ASP B 220 -26.52 18.36 -3.98
C ASP B 220 -26.83 18.73 -2.53
N LEU B 221 -25.88 19.44 -1.95
CA LEU B 221 -25.96 19.87 -0.57
C LEU B 221 -27.17 20.77 -0.30
N HIS B 222 -27.46 21.65 -1.24
CA HIS B 222 -28.65 22.44 -1.14
C HIS B 222 -29.88 21.54 -1.10
N GLN B 223 -29.90 20.65 -2.10
CA GLN B 223 -31.04 19.78 -2.32
C GLN B 223 -31.28 19.08 -1.01
N THR B 224 -30.18 18.57 -0.45
CA THR B 224 -30.19 17.95 0.87
C THR B 224 -30.73 18.88 1.94
N TYR B 225 -30.15 20.07 2.07
CA TYR B 225 -30.61 21.01 3.10
C TYR B 225 -32.14 21.10 3.09
N LEU B 226 -32.68 21.30 1.88
CA LEU B 226 -34.12 21.48 1.64
C LEU B 226 -34.95 20.30 2.10
N LYS B 227 -34.40 19.09 1.90
CA LYS B 227 -35.16 17.84 2.02
C LYS B 227 -34.97 17.20 3.38
N ALA B 228 -34.06 17.76 4.17
CA ALA B 228 -33.67 17.16 5.44
C ALA B 228 -34.85 16.97 6.40
N PRO B 229 -35.87 17.83 6.28
CA PRO B 229 -36.92 17.68 7.31
C PRO B 229 -37.71 16.39 7.05
N GLN B 230 -37.62 15.98 5.79
CA GLN B 230 -38.35 14.85 5.23
C GLN B 230 -37.46 13.64 5.09
N HIS B 231 -36.18 13.76 5.38
CA HIS B 231 -35.27 12.66 5.13
C HIS B 231 -35.57 11.51 6.08
N ALA B 232 -35.40 10.32 5.52
CA ALA B 232 -35.65 9.05 6.19
C ALA B 232 -35.06 8.97 7.62
N GLN B 233 -34.18 9.93 7.95
CA GLN B 233 -33.14 9.81 8.98
C GLN B 233 -32.94 11.19 9.59
N GLN B 234 -32.96 11.29 10.92
CA GLN B 234 -33.29 12.57 11.57
C GLN B 234 -32.40 13.01 12.74
N SER B 235 -31.56 12.10 13.23
CA SER B 235 -30.82 12.29 14.47
C SER B 235 -30.02 13.58 14.46
N ILE B 236 -29.70 14.07 13.27
CA ILE B 236 -28.82 15.22 13.17
C ILE B 236 -29.61 16.50 13.46
N ARG B 237 -30.66 16.72 12.67
CA ARG B 237 -31.63 17.81 12.87
C ARG B 237 -32.01 17.95 14.33
N GLU B 238 -32.33 16.80 14.93
CA GLU B 238 -32.46 16.71 16.38
C GLU B 238 -31.25 17.32 17.06
N LYS B 239 -30.10 16.68 16.89
CA LYS B 239 -28.88 17.21 17.47
C LYS B 239 -28.80 18.72 17.34
N TYR B 240 -29.09 19.26 16.16
CA TYR B 240 -28.76 20.65 15.83
C TYR B 240 -29.94 21.58 16.13
N LYS B 241 -30.83 21.09 16.98
CA LYS B 241 -31.77 21.97 17.63
C LYS B 241 -31.21 22.50 18.94
N ASN B 242 -30.53 21.66 19.72
CA ASN B 242 -29.96 22.16 20.97
C ASN B 242 -29.53 23.63 20.83
N SER B 243 -29.76 24.42 21.87
CA SER B 243 -29.28 25.78 21.88
C SER B 243 -27.75 25.75 21.85
N LYS B 244 -27.14 24.60 22.11
CA LYS B 244 -25.69 24.50 21.99
C LYS B 244 -25.30 24.94 20.59
N TYR B 245 -26.21 24.79 19.65
CA TYR B 245 -25.91 25.01 18.23
C TYR B 245 -26.78 26.09 17.61
N HIS B 246 -27.38 26.93 18.46
CA HIS B 246 -28.09 28.16 18.07
C HIS B 246 -29.37 27.91 17.26
N GLY B 247 -29.93 26.71 17.38
CA GLY B 247 -31.18 26.39 16.69
C GLY B 247 -31.05 26.29 15.19
N VAL B 248 -29.82 26.37 14.68
CA VAL B 248 -29.61 26.48 13.24
C VAL B 248 -30.42 25.50 12.39
N SER B 249 -30.60 24.26 12.85
CA SER B 249 -31.39 23.29 12.06
C SER B 249 -32.88 23.65 12.02
N LEU B 250 -33.24 24.72 12.74
CA LEU B 250 -34.55 25.41 12.65
C LEU B 250 -34.76 26.44 11.49
N LEU B 251 -34.02 27.54 11.53
CA LEU B 251 -33.76 28.34 10.33
C LEU B 251 -34.28 27.76 9.04
N ASN B 252 -34.61 28.69 8.15
CA ASN B 252 -35.21 28.36 6.87
C ASN B 252 -34.28 28.39 5.65
N PRO B 253 -34.10 27.22 5.03
CA PRO B 253 -33.26 27.04 3.85
C PRO B 253 -33.71 28.01 2.79
N PRO B 254 -32.78 28.62 2.05
CA PRO B 254 -33.12 29.38 0.84
C PRO B 254 -33.62 28.44 -0.24
N GLU B 255 -34.55 28.85 -1.09
CA GLU B 255 -34.95 27.92 -2.14
C GLU B 255 -34.07 28.08 -3.37
N THR B 256 -33.27 29.13 -3.38
CA THR B 256 -32.33 29.34 -4.46
C THR B 256 -31.10 30.11 -3.99
N LEU B 257 -30.06 29.99 -4.80
CA LEU B 257 -28.69 29.98 -4.33
C LEU B 257 -28.04 31.13 -5.08
N ASN B 258 -28.71 31.54 -6.15
CA ASN B 258 -28.23 32.62 -6.99
C ASN B 258 -26.99 32.25 -7.78
N LEU B 259 -27.06 31.15 -8.52
CA LEU B 259 -25.89 30.61 -9.19
C LEU B 259 -25.98 30.73 -10.69
N MET C 1 -6.16 -16.01 10.99
CA MET C 1 -6.70 -17.39 10.85
C MET C 1 -7.66 -17.78 11.96
N GLU C 2 -7.54 -17.11 13.11
CA GLU C 2 -8.45 -17.34 14.23
C GLU C 2 -9.79 -16.65 13.97
N ASN C 3 -9.88 -16.03 12.81
CA ASN C 3 -11.03 -15.21 12.50
C ASN C 3 -11.97 -15.94 11.58
N PHE C 4 -11.49 -17.03 10.99
CA PHE C 4 -12.31 -17.82 10.07
C PHE C 4 -12.74 -19.10 10.78
N GLN C 5 -13.99 -19.48 10.51
CA GLN C 5 -14.54 -20.76 10.91
C GLN C 5 -14.66 -21.65 9.69
N LYS C 6 -13.94 -22.77 9.70
CA LYS C 6 -14.05 -23.78 8.64
C LYS C 6 -15.48 -24.28 8.62
N VAL C 7 -16.12 -24.23 7.46
CA VAL C 7 -17.42 -24.89 7.30
C VAL C 7 -17.32 -26.28 6.67
N GLU C 8 -16.91 -26.36 5.42
CA GLU C 8 -16.72 -27.66 4.80
C GLU C 8 -15.60 -27.67 3.75
N LYS C 9 -15.02 -28.84 3.50
CA LYS C 9 -14.01 -28.99 2.46
C LYS C 9 -14.78 -28.92 1.16
N ILE C 10 -14.34 -28.12 0.19
CA ILE C 10 -15.09 -28.08 -1.07
C ILE C 10 -14.28 -28.58 -2.23
N GLY C 11 -13.15 -29.19 -1.94
CA GLY C 11 -12.34 -29.75 -3.01
C GLY C 11 -10.86 -29.53 -2.78
N GLU C 12 -10.09 -30.31 -3.53
CA GLU C 12 -8.63 -30.25 -3.55
C GLU C 12 -8.21 -29.58 -4.84
N GLY C 13 -6.93 -29.23 -4.90
CA GLY C 13 -6.42 -28.36 -5.95
C GLY C 13 -4.91 -28.36 -5.88
N THR C 14 -4.25 -27.72 -6.85
CA THR C 14 -2.77 -27.78 -6.93
C THR C 14 -2.22 -28.23 -5.56
N TYR C 15 -1.51 -27.38 -4.84
CA TYR C 15 -1.21 -27.59 -3.42
C TYR C 15 -2.14 -28.57 -2.69
N GLY C 16 -3.13 -28.03 -1.99
CA GLY C 16 -3.99 -28.87 -1.20
C GLY C 16 -5.37 -28.27 -1.02
N VAL C 17 -5.97 -28.72 0.05
CA VAL C 17 -7.40 -28.73 0.20
C VAL C 17 -7.98 -27.31 0.29
N VAL C 18 -9.15 -27.13 -0.29
CA VAL C 18 -9.87 -25.87 -0.22
C VAL C 18 -11.14 -26.01 0.61
N TYR C 19 -11.33 -25.05 1.52
CA TYR C 19 -12.53 -24.96 2.36
C TYR C 19 -13.38 -23.73 2.06
N LYS C 20 -14.69 -23.93 2.02
CA LYS C 20 -15.68 -23.02 2.57
C LYS C 20 -15.33 -22.67 4.02
N ALA C 21 -15.39 -21.38 4.33
CA ALA C 21 -15.20 -20.87 5.68
C ALA C 21 -15.85 -19.50 5.76
N ARG C 22 -16.16 -19.08 6.98
CA ARG C 22 -16.85 -17.83 7.16
C ARG C 22 -16.14 -16.95 8.18
N ASN C 23 -16.02 -15.68 7.79
CA ASN C 23 -15.39 -14.68 8.60
C ASN C 23 -16.30 -14.46 9.80
N LYS C 24 -15.81 -14.73 11.01
CA LYS C 24 -16.67 -14.70 12.20
C LYS C 24 -17.04 -13.28 12.54
N LEU C 25 -16.38 -12.32 11.92
CA LEU C 25 -16.53 -10.94 12.32
C LEU C 25 -17.41 -10.24 11.31
N THR C 26 -17.29 -10.65 10.05
CA THR C 26 -18.02 -9.94 9.01
C THR C 26 -19.08 -10.83 8.32
N GLY C 27 -19.12 -12.10 8.71
CA GLY C 27 -20.00 -13.06 8.06
C GLY C 27 -19.58 -13.42 6.64
N GLU C 28 -18.53 -12.78 6.15
CA GLU C 28 -18.20 -12.93 4.72
C GLU C 28 -17.75 -14.37 4.53
N VAL C 29 -18.28 -15.01 3.50
CA VAL C 29 -18.04 -16.43 3.28
C VAL C 29 -16.97 -16.51 2.24
N VAL C 30 -16.00 -17.38 2.44
CA VAL C 30 -14.82 -17.31 1.66
C VAL C 30 -14.37 -18.70 1.33
N ALA C 31 -13.27 -18.74 0.60
CA ALA C 31 -12.73 -19.99 0.11
C ALA C 31 -11.26 -20.08 0.46
N LEU C 32 -10.94 -20.90 1.45
CA LEU C 32 -9.60 -20.95 2.01
C LEU C 32 -8.88 -21.96 1.20
N LYS C 33 -7.73 -21.61 0.63
CA LYS C 33 -6.90 -22.65 0.05
C LYS C 33 -5.61 -22.80 0.84
N LYS C 34 -5.36 -23.99 1.35
CA LYS C 34 -4.44 -24.15 2.46
C LYS C 34 -3.24 -24.97 2.02
N ILE C 35 -2.13 -24.27 1.80
CA ILE C 35 -0.95 -24.90 1.26
C ILE C 35 -0.09 -25.32 2.43
N ARG C 36 0.44 -26.54 2.31
CA ARG C 36 1.09 -27.18 3.45
C ARG C 36 2.57 -26.83 3.54
N LEU C 37 2.92 -25.92 4.43
CA LEU C 37 4.30 -25.48 4.61
C LEU C 37 5.05 -26.21 5.74
N ASP C 38 4.86 -27.53 5.90
CA ASP C 38 5.94 -28.33 6.47
C ASP C 38 7.08 -28.32 5.48
N THR C 39 6.96 -27.43 4.49
CA THR C 39 7.85 -27.24 3.32
C THR C 39 9.34 -27.62 3.53
N GLU C 40 9.57 -28.60 4.39
CA GLU C 40 10.89 -29.21 4.58
C GLU C 40 11.32 -29.81 3.23
N THR C 41 11.26 -28.98 2.21
CA THR C 41 11.02 -29.48 0.89
C THR C 41 11.62 -28.34 0.13
N GLU C 42 10.84 -27.34 -0.24
CA GLU C 42 11.23 -26.57 -1.39
C GLU C 42 10.69 -25.17 -1.20
N GLY C 43 10.46 -24.84 0.05
CA GLY C 43 9.81 -23.59 0.38
C GLY C 43 8.49 -23.44 -0.34
N VAL C 44 7.94 -22.23 -0.32
CA VAL C 44 6.68 -21.93 -1.00
C VAL C 44 6.71 -22.44 -2.43
N PRO C 45 5.71 -23.24 -2.83
CA PRO C 45 5.75 -23.96 -4.10
C PRO C 45 5.59 -22.93 -5.20
N SER C 46 6.08 -23.25 -6.40
CA SER C 46 6.08 -22.22 -7.44
C SER C 46 4.65 -21.81 -7.76
N THR C 47 3.75 -22.78 -7.75
CA THR C 47 2.38 -22.55 -8.16
C THR C 47 1.78 -21.50 -7.25
N ALA C 48 1.91 -21.67 -5.94
CA ALA C 48 1.48 -20.65 -4.99
C ALA C 48 2.07 -19.29 -5.33
N ILE C 49 3.35 -19.27 -5.66
CA ILE C 49 4.04 -18.01 -5.96
C ILE C 49 3.36 -17.26 -7.14
N ARG C 50 3.22 -17.95 -8.26
CA ARG C 50 2.54 -17.42 -9.44
C ARG C 50 1.08 -17.04 -9.19
N GLU C 51 0.27 -17.91 -8.58
CA GLU C 51 -1.15 -17.58 -8.44
C GLU C 51 -1.20 -16.26 -7.70
N ILE C 52 -0.40 -16.20 -6.63
CA ILE C 52 -0.68 -15.14 -5.68
C ILE C 52 -0.32 -13.87 -6.39
N SER C 53 0.79 -13.93 -7.13
CA SER C 53 1.34 -12.72 -7.69
C SER C 53 0.44 -12.25 -8.84
N LEU C 54 0.03 -13.18 -9.67
CA LEU C 54 -0.76 -12.85 -10.84
C LEU C 54 -2.18 -12.40 -10.51
N LEU C 55 -2.88 -13.13 -9.66
CA LEU C 55 -4.18 -12.65 -9.22
C LEU C 55 -4.11 -11.27 -8.62
N LYS C 56 -3.12 -11.05 -7.78
CA LYS C 56 -2.98 -9.76 -7.10
C LYS C 56 -3.06 -8.65 -8.13
N GLU C 57 -2.46 -8.87 -9.28
CA GLU C 57 -2.56 -7.89 -10.36
C GLU C 57 -3.94 -7.75 -11.03
N LEU C 58 -4.79 -8.77 -10.89
CA LEU C 58 -5.92 -8.95 -11.79
C LEU C 58 -7.21 -8.64 -11.06
N ASN C 59 -7.77 -7.47 -11.32
CA ASN C 59 -9.02 -7.07 -10.69
C ASN C 59 -10.10 -6.92 -11.74
N HIS C 60 -11.04 -7.85 -11.77
CA HIS C 60 -12.03 -7.96 -12.83
C HIS C 60 -13.16 -8.91 -12.37
N PRO C 61 -14.40 -8.57 -12.66
CA PRO C 61 -15.53 -9.36 -12.18
C PRO C 61 -15.71 -10.78 -12.75
N ASN C 62 -14.94 -11.17 -13.74
CA ASN C 62 -14.90 -12.60 -14.11
C ASN C 62 -13.55 -13.29 -13.82
N ILE C 63 -12.79 -12.71 -12.88
CA ILE C 63 -11.67 -13.42 -12.25
C ILE C 63 -11.76 -13.42 -10.70
N VAL C 64 -11.72 -14.62 -10.13
CA VAL C 64 -11.90 -14.82 -8.70
C VAL C 64 -11.00 -13.84 -8.00
N LYS C 65 -11.47 -13.35 -6.87
CA LYS C 65 -10.76 -12.33 -6.14
C LYS C 65 -9.94 -13.05 -5.10
N LEU C 66 -8.63 -12.80 -5.08
CA LEU C 66 -7.80 -13.10 -3.92
C LEU C 66 -8.09 -12.05 -2.89
N LEU C 67 -8.62 -12.45 -1.73
CA LEU C 67 -8.99 -11.49 -0.69
C LEU C 67 -7.87 -11.18 0.27
N ASP C 68 -7.26 -12.20 0.86
CA ASP C 68 -6.07 -12.03 1.70
C ASP C 68 -5.17 -13.20 1.39
N VAL C 69 -3.89 -13.06 1.75
CA VAL C 69 -2.99 -14.19 1.92
C VAL C 69 -2.56 -14.26 3.38
N ILE C 70 -2.30 -15.46 3.87
CA ILE C 70 -2.00 -15.56 5.27
C ILE C 70 -0.81 -16.44 5.50
N HIS C 71 0.28 -15.79 5.85
CA HIS C 71 1.49 -16.49 6.24
C HIS C 71 1.43 -16.94 7.70
N THR C 72 1.77 -18.20 7.93
CA THR C 72 2.34 -18.53 9.23
C THR C 72 3.78 -19.06 9.01
N GLU C 73 4.56 -19.10 10.08
CA GLU C 73 5.79 -19.91 10.10
C GLU C 73 5.66 -21.16 9.22
N ASN C 74 4.61 -21.94 9.43
CA ASN C 74 4.60 -23.30 8.95
C ASN C 74 3.43 -23.69 8.03
N LYS C 75 2.64 -22.70 7.61
CA LYS C 75 1.46 -22.93 6.75
C LYS C 75 1.18 -21.66 5.96
N LEU C 76 0.56 -21.82 4.80
CA LEU C 76 0.24 -20.67 3.95
C LEU C 76 -1.22 -20.76 3.49
N TYR C 77 -1.99 -19.69 3.74
CA TYR C 77 -3.40 -19.70 3.41
C TYR C 77 -3.69 -18.64 2.37
N LEU C 78 -4.31 -19.09 1.29
CA LEU C 78 -4.88 -18.16 0.32
C LEU C 78 -6.38 -18.03 0.51
N VAL C 79 -6.86 -16.80 0.56
CA VAL C 79 -8.27 -16.57 0.80
C VAL C 79 -9.00 -15.97 -0.39
N PHE C 80 -9.86 -16.82 -0.95
CA PHE C 80 -10.59 -16.48 -2.16
C PHE C 80 -12.00 -16.08 -1.80
N GLU C 81 -12.56 -15.10 -2.51
CA GLU C 81 -13.99 -14.85 -2.48
C GLU C 81 -14.69 -16.18 -2.79
N PHE C 82 -15.80 -16.43 -2.11
CA PHE C 82 -16.37 -17.76 -2.24
C PHE C 82 -17.51 -17.77 -3.24
N LEU C 83 -17.48 -18.75 -4.12
CA LEU C 83 -18.56 -18.94 -5.06
C LEU C 83 -19.10 -20.36 -4.91
N HIS C 84 -20.20 -20.62 -5.62
CA HIS C 84 -21.12 -21.70 -5.28
C HIS C 84 -20.59 -23.04 -5.73
N GLN C 85 -20.30 -23.16 -7.02
CA GLN C 85 -19.69 -24.36 -7.54
C GLN C 85 -18.87 -24.08 -8.78
N ASP C 86 -18.37 -25.15 -9.36
CA ASP C 86 -17.60 -25.08 -10.58
C ASP C 86 -18.46 -25.58 -11.75
N LEU C 87 -18.07 -25.18 -12.95
CA LEU C 87 -18.83 -25.51 -14.14
C LEU C 87 -19.03 -27.01 -14.31
N LYS C 88 -17.98 -27.79 -14.08
CA LYS C 88 -18.11 -29.24 -14.18
C LYS C 88 -19.40 -29.68 -13.48
N LYS C 89 -19.56 -29.25 -12.23
CA LYS C 89 -20.70 -29.74 -11.46
C LYS C 89 -21.91 -29.35 -12.25
N PHE C 90 -21.95 -28.07 -12.65
CA PHE C 90 -23.14 -27.58 -13.30
C PHE C 90 -23.44 -28.48 -14.45
N MET C 91 -22.41 -28.80 -15.22
CA MET C 91 -22.64 -29.54 -16.44
C MET C 91 -23.23 -30.91 -16.11
N ASP C 92 -22.48 -31.69 -15.32
CA ASP C 92 -22.89 -33.03 -14.91
C ASP C 92 -24.31 -32.99 -14.40
N ALA C 93 -24.68 -31.91 -13.73
CA ALA C 93 -25.94 -31.84 -13.04
C ALA C 93 -26.99 -31.28 -14.00
N SER C 94 -26.54 -30.76 -15.13
CA SER C 94 -27.47 -30.14 -16.08
C SER C 94 -27.59 -31.12 -17.22
N ALA C 95 -26.79 -32.19 -17.17
CA ALA C 95 -26.79 -33.22 -18.22
C ALA C 95 -28.20 -33.76 -18.41
N LEU C 96 -28.41 -34.44 -19.52
CA LEU C 96 -29.74 -34.93 -19.83
C LEU C 96 -30.54 -33.72 -20.34
N THR C 97 -30.84 -32.76 -19.46
CA THR C 97 -31.62 -31.59 -19.85
C THR C 97 -30.84 -30.61 -20.73
N GLY C 98 -29.56 -30.40 -20.46
CA GLY C 98 -28.80 -29.36 -21.15
C GLY C 98 -28.81 -27.97 -20.50
N ILE C 99 -27.69 -27.26 -20.59
CA ILE C 99 -27.62 -25.88 -20.09
C ILE C 99 -28.26 -25.00 -21.15
N PRO C 100 -29.31 -24.29 -20.73
CA PRO C 100 -29.99 -23.47 -21.70
C PRO C 100 -28.96 -22.62 -22.44
N LEU C 101 -29.04 -22.64 -23.76
CA LEU C 101 -28.25 -21.77 -24.67
C LEU C 101 -27.93 -20.39 -24.14
N PRO C 102 -28.97 -19.60 -23.80
CA PRO C 102 -28.73 -18.24 -23.35
C PRO C 102 -27.66 -18.20 -22.29
N LEU C 103 -27.66 -19.20 -21.40
CA LEU C 103 -26.68 -19.20 -20.33
C LEU C 103 -25.26 -19.55 -20.84
N ILE C 104 -25.18 -20.52 -21.73
CA ILE C 104 -23.96 -20.85 -22.40
C ILE C 104 -23.34 -19.59 -23.01
N LYS C 105 -24.18 -18.78 -23.61
CA LYS C 105 -23.67 -17.63 -24.30
C LYS C 105 -23.28 -16.56 -23.30
N SER C 106 -23.91 -16.53 -22.12
CA SER C 106 -23.46 -15.63 -21.07
C SER C 106 -22.12 -16.08 -20.50
N TYR C 107 -22.03 -17.37 -20.25
CA TYR C 107 -20.82 -17.93 -19.65
C TYR C 107 -19.66 -17.67 -20.60
N LEU C 108 -19.87 -18.04 -21.86
CA LEU C 108 -18.83 -17.80 -22.88
C LEU C 108 -18.44 -16.33 -22.97
N PHE C 109 -19.44 -15.47 -22.98
CA PHE C 109 -19.17 -14.05 -23.04
C PHE C 109 -18.36 -13.60 -21.85
N GLN C 110 -18.90 -13.82 -20.67
CA GLN C 110 -18.20 -13.37 -19.49
C GLN C 110 -16.75 -13.85 -19.48
N LEU C 111 -16.53 -15.13 -19.83
CA LEU C 111 -15.18 -15.68 -19.77
C LEU C 111 -14.26 -15.02 -20.80
N LEU C 112 -14.75 -14.71 -21.99
CA LEU C 112 -13.91 -14.01 -22.95
C LEU C 112 -13.48 -12.68 -22.34
N GLN C 113 -14.37 -12.10 -21.54
CA GLN C 113 -13.98 -10.88 -20.88
C GLN C 113 -12.81 -11.14 -19.94
N GLY C 114 -12.91 -12.21 -19.16
CA GLY C 114 -11.81 -12.57 -18.27
C GLY C 114 -10.51 -12.81 -19.00
N LEU C 115 -10.53 -13.80 -19.90
CA LEU C 115 -9.40 -14.07 -20.78
C LEU C 115 -8.79 -12.82 -21.43
N ALA C 116 -9.64 -11.89 -21.85
CA ALA C 116 -9.17 -10.64 -22.47
C ALA C 116 -8.42 -9.80 -21.49
N PHE C 117 -8.96 -9.62 -20.30
CA PHE C 117 -8.23 -8.91 -19.26
C PHE C 117 -6.91 -9.62 -19.03
N CYS C 118 -6.95 -10.91 -18.69
CA CYS C 118 -5.71 -11.63 -18.53
C CYS C 118 -4.75 -11.25 -19.64
N HIS C 119 -5.13 -11.50 -20.88
CA HIS C 119 -4.16 -11.43 -21.93
C HIS C 119 -3.57 -10.05 -22.10
N SER C 120 -4.40 -9.04 -21.94
CA SER C 120 -3.92 -7.69 -22.13
C SER C 120 -3.10 -7.26 -20.94
N HIS C 121 -2.92 -8.19 -19.99
CA HIS C 121 -2.11 -7.93 -18.82
C HIS C 121 -1.00 -8.99 -18.80
N ARG C 122 -0.56 -9.39 -19.99
CA ARG C 122 0.41 -10.46 -20.18
C ARG C 122 0.33 -11.61 -19.15
N VAL C 123 -0.89 -12.00 -18.81
CA VAL C 123 -1.07 -13.24 -18.10
C VAL C 123 -1.76 -14.23 -19.00
N LEU C 124 -1.44 -15.50 -18.78
CA LEU C 124 -1.60 -16.57 -19.74
C LEU C 124 -2.02 -17.74 -18.87
N HIS C 125 -3.32 -17.99 -18.79
CA HIS C 125 -3.89 -18.86 -17.78
C HIS C 125 -3.34 -20.27 -17.89
N ARG C 126 -3.49 -20.87 -19.08
CA ARG C 126 -2.79 -22.09 -19.51
C ARG C 126 -3.57 -23.35 -19.24
N ASP C 127 -4.49 -23.30 -18.29
CA ASP C 127 -5.19 -24.51 -17.88
C ASP C 127 -6.66 -24.22 -17.68
N LEU C 128 -7.33 -23.76 -18.73
CA LEU C 128 -8.78 -23.52 -18.63
C LEU C 128 -9.57 -24.83 -18.69
N LYS C 129 -10.50 -25.03 -17.77
CA LYS C 129 -11.27 -26.27 -17.75
C LYS C 129 -12.31 -26.18 -16.68
N PRO C 130 -13.46 -26.81 -16.95
CA PRO C 130 -14.70 -26.65 -16.21
C PRO C 130 -14.45 -26.60 -14.71
N GLN C 131 -13.42 -27.32 -14.25
CA GLN C 131 -13.11 -27.39 -12.82
C GLN C 131 -12.53 -26.04 -12.34
N ASN C 132 -11.82 -25.32 -13.20
CA ASN C 132 -11.22 -24.05 -12.80
C ASN C 132 -12.08 -22.88 -13.23
N LEU C 133 -13.29 -23.16 -13.69
CA LEU C 133 -14.27 -22.10 -13.99
C LEU C 133 -15.38 -22.16 -12.96
N LEU C 134 -15.71 -21.03 -12.34
CA LEU C 134 -16.49 -21.04 -11.11
C LEU C 134 -17.73 -20.17 -11.25
N ILE C 135 -18.90 -20.74 -11.00
CA ILE C 135 -20.15 -19.98 -11.12
C ILE C 135 -20.75 -19.71 -9.75
N ASN C 136 -21.58 -18.67 -9.69
CA ASN C 136 -22.37 -18.36 -8.52
C ASN C 136 -23.85 -18.24 -8.91
N THR C 137 -24.72 -18.09 -7.93
CA THR C 137 -26.15 -18.07 -8.19
C THR C 137 -26.61 -16.90 -9.05
N GLU C 138 -26.12 -15.69 -8.80
CA GLU C 138 -26.61 -14.54 -9.55
C GLU C 138 -26.24 -14.70 -11.02
N GLY C 139 -25.45 -15.73 -11.32
CA GLY C 139 -25.21 -16.18 -12.69
C GLY C 139 -23.99 -15.59 -13.38
N ALA C 140 -22.99 -15.21 -12.59
CA ALA C 140 -21.66 -14.86 -13.11
C ALA C 140 -20.79 -16.12 -13.22
N ILE C 141 -19.82 -16.10 -14.14
CA ILE C 141 -18.84 -17.16 -14.14
C ILE C 141 -17.45 -16.57 -14.08
N LYS C 142 -16.46 -17.32 -13.57
CA LYS C 142 -15.20 -16.69 -13.18
C LYS C 142 -13.99 -17.53 -13.52
N LEU C 143 -12.92 -16.90 -13.99
CA LEU C 143 -11.68 -17.66 -14.11
C LEU C 143 -11.15 -17.86 -12.70
N ALA C 144 -10.56 -19.03 -12.46
CA ALA C 144 -9.90 -19.31 -11.19
C ALA C 144 -8.80 -20.37 -11.31
N ASP C 145 -8.11 -20.64 -10.19
CA ASP C 145 -6.94 -21.54 -10.18
C ASP C 145 -5.85 -21.16 -11.17
N PHE C 146 -5.09 -20.14 -10.82
CA PHE C 146 -4.07 -19.62 -11.71
C PHE C 146 -2.72 -20.23 -11.35
N GLY C 147 -2.70 -21.39 -10.73
CA GLY C 147 -1.41 -21.94 -10.31
C GLY C 147 -0.41 -22.19 -11.43
N LEU C 148 -0.84 -22.33 -12.67
CA LEU C 148 0.09 -22.67 -13.73
C LEU C 148 0.01 -21.56 -14.75
N ALA C 149 -0.61 -20.47 -14.33
CA ALA C 149 -0.63 -19.23 -15.11
C ALA C 149 0.75 -18.57 -15.19
N ARG C 150 0.99 -17.79 -16.22
CA ARG C 150 2.35 -17.34 -16.52
C ARG C 150 2.32 -15.97 -17.08
N ALA C 151 3.35 -15.22 -16.77
CA ALA C 151 3.52 -13.90 -17.34
C ALA C 151 4.27 -14.11 -18.64
N PHE C 152 3.90 -13.36 -19.66
CA PHE C 152 4.64 -13.41 -20.93
C PHE C 152 5.17 -12.04 -21.37
N GLY C 153 5.65 -11.23 -20.42
CA GLY C 153 6.59 -10.19 -20.78
C GLY C 153 7.60 -10.74 -21.75
N VAL C 154 7.68 -12.05 -21.81
CA VAL C 154 8.75 -12.68 -22.55
C VAL C 154 8.23 -14.03 -22.98
N PRO C 155 8.27 -14.32 -24.28
CA PRO C 155 7.67 -15.58 -24.71
C PRO C 155 7.87 -16.68 -23.68
N VAL C 156 6.82 -17.47 -23.45
CA VAL C 156 6.78 -18.43 -22.36
C VAL C 156 7.08 -19.80 -22.95
N ARG C 157 8.30 -20.28 -22.70
CA ARG C 157 8.74 -21.60 -23.13
C ARG C 157 7.80 -22.75 -22.73
N THR C 158 7.70 -23.70 -23.66
CA THR C 158 6.85 -24.86 -23.56
C THR C 158 7.43 -25.90 -22.59
N TYR C 159 6.65 -26.31 -21.59
CA TYR C 159 6.90 -27.51 -20.75
C TYR C 159 7.19 -28.77 -21.56
N THR C 160 8.37 -29.34 -21.42
CA THR C 160 8.70 -30.50 -22.23
C THR C 160 7.96 -31.76 -21.76
N HIS C 161 7.64 -31.81 -20.47
CA HIS C 161 6.64 -32.74 -19.95
C HIS C 161 5.51 -32.01 -19.27
N GLU C 162 4.39 -32.01 -19.98
CA GLU C 162 3.21 -31.34 -19.47
C GLU C 162 2.46 -32.32 -18.59
N VAL C 163 1.99 -31.80 -17.46
CA VAL C 163 1.09 -32.57 -16.62
C VAL C 163 -0.29 -31.90 -16.54
N VAL C 164 -0.56 -30.97 -17.47
CA VAL C 164 -1.80 -30.19 -17.45
C VAL C 164 -3.01 -31.10 -17.70
N THR C 165 -3.70 -30.86 -18.82
CA THR C 165 -4.80 -31.72 -19.22
C THR C 165 -4.69 -31.83 -20.71
N LEU C 166 -5.18 -32.94 -21.23
CA LEU C 166 -5.01 -33.22 -22.64
C LEU C 166 -6.20 -32.59 -23.36
N TRP C 167 -7.35 -32.70 -22.71
CA TRP C 167 -8.65 -32.63 -23.37
C TRP C 167 -8.86 -31.24 -23.94
N TYR C 168 -8.45 -30.26 -23.15
CA TYR C 168 -8.49 -28.86 -23.53
C TYR C 168 -7.15 -28.25 -23.96
N ARG C 169 -6.39 -28.96 -24.80
CA ARG C 169 -5.01 -28.55 -25.05
C ARG C 169 -4.90 -28.29 -26.52
N ALA C 170 -4.09 -27.32 -26.92
CA ALA C 170 -4.18 -26.84 -28.28
C ALA C 170 -3.34 -27.77 -29.12
N PRO C 171 -3.63 -27.86 -30.42
CA PRO C 171 -2.88 -28.74 -31.33
C PRO C 171 -1.40 -28.33 -31.39
N GLU C 172 -1.16 -27.03 -31.31
CA GLU C 172 0.18 -26.52 -31.54
C GLU C 172 1.10 -27.03 -30.44
N ILE C 173 0.54 -27.21 -29.26
CA ILE C 173 1.37 -27.67 -28.16
C ILE C 173 1.55 -29.17 -28.27
N LEU C 174 0.48 -29.86 -28.62
CA LEU C 174 0.56 -31.25 -29.05
C LEU C 174 1.70 -31.52 -30.02
N LEU C 175 1.93 -30.59 -30.94
CA LEU C 175 2.79 -30.85 -32.09
C LEU C 175 4.18 -30.31 -31.82
N GLY C 176 4.35 -29.71 -30.66
CA GLY C 176 5.67 -29.50 -30.12
C GLY C 176 6.37 -28.20 -30.44
N CYS C 177 5.65 -27.13 -30.74
CA CYS C 177 6.41 -25.91 -30.85
C CYS C 177 6.86 -25.44 -29.47
N LYS C 178 7.65 -24.36 -29.48
CA LYS C 178 8.62 -24.04 -28.45
C LYS C 178 7.95 -23.22 -27.34
N TYR C 179 7.08 -22.29 -27.77
CA TYR C 179 6.47 -21.27 -26.93
C TYR C 179 4.95 -21.39 -26.83
N TYR C 180 4.38 -21.09 -25.67
CA TYR C 180 2.93 -20.98 -25.53
C TYR C 180 2.48 -19.69 -26.22
N SER C 181 1.18 -19.45 -26.19
CA SER C 181 0.67 -18.16 -26.61
C SER C 181 -0.79 -17.99 -26.20
N THR C 182 -1.27 -16.76 -26.27
CA THR C 182 -2.62 -16.48 -25.80
C THR C 182 -3.65 -17.38 -26.48
N ALA C 183 -3.34 -17.80 -27.72
CA ALA C 183 -4.24 -18.65 -28.50
C ALA C 183 -4.61 -19.94 -27.75
N VAL C 184 -3.70 -20.40 -26.88
CA VAL C 184 -3.98 -21.67 -26.24
C VAL C 184 -5.17 -21.49 -25.28
N ASP C 185 -5.34 -20.29 -24.70
CA ASP C 185 -6.49 -20.11 -23.79
C ASP C 185 -7.80 -20.06 -24.56
N ILE C 186 -7.75 -19.49 -25.77
CA ILE C 186 -8.94 -19.36 -26.61
C ILE C 186 -9.35 -20.75 -27.09
N TRP C 187 -8.36 -21.57 -27.41
CA TRP C 187 -8.65 -22.95 -27.80
C TRP C 187 -9.41 -23.68 -26.69
N SER C 188 -8.92 -23.56 -25.45
CA SER C 188 -9.43 -24.35 -24.38
C SER C 188 -10.85 -23.89 -24.17
N LEU C 189 -11.02 -22.59 -24.34
CA LEU C 189 -12.32 -21.99 -24.16
C LEU C 189 -13.30 -22.51 -25.22
N GLY C 190 -12.92 -22.48 -26.49
CA GLY C 190 -13.79 -23.06 -27.47
C GLY C 190 -14.17 -24.50 -27.11
N CYS C 191 -13.18 -25.33 -26.81
CA CYS C 191 -13.45 -26.67 -26.30
C CYS C 191 -14.56 -26.69 -25.27
N ILE C 192 -14.47 -25.83 -24.25
CA ILE C 192 -15.46 -25.80 -23.19
C ILE C 192 -16.78 -25.24 -23.72
N PHE C 193 -16.71 -24.48 -24.80
CA PHE C 193 -17.92 -23.92 -25.41
C PHE C 193 -18.77 -25.03 -26.08
N ALA C 194 -18.12 -25.77 -26.99
CA ALA C 194 -18.66 -27.05 -27.50
C ALA C 194 -19.25 -27.89 -26.37
N GLU C 195 -18.50 -28.05 -25.28
CA GLU C 195 -18.88 -29.03 -24.29
C GLU C 195 -20.15 -28.59 -23.60
N MET C 196 -20.24 -27.32 -23.23
CA MET C 196 -21.49 -26.86 -22.65
C MET C 196 -22.62 -27.24 -23.62
N VAL C 197 -22.37 -27.14 -24.92
CA VAL C 197 -23.48 -27.33 -25.87
C VAL C 197 -23.84 -28.79 -26.18
N THR C 198 -22.88 -29.59 -26.63
CA THR C 198 -23.15 -31.01 -26.75
C THR C 198 -23.27 -31.69 -25.39
N ARG C 199 -23.21 -30.96 -24.29
CA ARG C 199 -23.16 -31.61 -22.98
C ARG C 199 -22.18 -32.78 -22.88
N ARG C 200 -21.22 -32.84 -23.79
CA ARG C 200 -20.13 -33.78 -23.63
C ARG C 200 -18.84 -33.17 -24.14
N ALA C 201 -17.72 -33.79 -23.75
CA ALA C 201 -16.38 -33.31 -24.02
C ALA C 201 -16.02 -33.52 -25.49
N LEU C 202 -15.39 -32.54 -26.12
CA LEU C 202 -15.21 -32.57 -27.55
C LEU C 202 -14.11 -33.59 -27.87
N PHE C 203 -13.06 -33.59 -27.07
CA PHE C 203 -11.80 -34.13 -27.53
C PHE C 203 -11.19 -34.88 -26.33
N PRO C 204 -11.87 -35.93 -25.85
CA PRO C 204 -11.50 -36.68 -24.64
C PRO C 204 -10.31 -37.61 -24.90
N GLY C 205 -9.11 -37.06 -24.82
CA GLY C 205 -7.94 -37.81 -25.20
C GLY C 205 -7.45 -38.66 -24.04
N ASP C 206 -6.78 -39.75 -24.39
CA ASP C 206 -6.12 -40.61 -23.43
C ASP C 206 -4.61 -40.40 -23.40
N SER C 207 -4.09 -39.73 -24.42
CA SER C 207 -2.66 -39.41 -24.49
C SER C 207 -2.45 -38.26 -25.47
N GLU C 208 -1.26 -37.68 -25.46
CA GLU C 208 -0.85 -36.78 -26.54
C GLU C 208 -1.32 -37.29 -27.89
N ILE C 209 -0.94 -38.51 -28.27
CA ILE C 209 -1.14 -38.96 -29.66
C ILE C 209 -2.64 -39.14 -29.86
N ASP C 210 -3.29 -39.49 -28.78
CA ASP C 210 -4.68 -39.89 -28.84
C ASP C 210 -5.49 -38.66 -29.15
N GLN C 211 -5.21 -37.65 -28.33
CA GLN C 211 -5.77 -36.32 -28.50
C GLN C 211 -5.59 -35.74 -29.91
N LEU C 212 -4.35 -35.57 -30.32
CA LEU C 212 -4.10 -35.10 -31.66
C LEU C 212 -5.11 -35.73 -32.60
N PHE C 213 -5.46 -36.98 -32.34
CA PHE C 213 -6.14 -37.75 -33.37
C PHE C 213 -7.63 -37.44 -33.34
N ARG C 214 -8.20 -37.48 -32.15
CA ARG C 214 -9.47 -36.86 -31.91
C ARG C 214 -9.67 -35.54 -32.65
N ILE C 215 -8.93 -34.53 -32.23
CA ILE C 215 -8.87 -33.29 -32.99
C ILE C 215 -8.97 -33.48 -34.51
N PHE C 216 -8.03 -34.24 -35.08
CA PHE C 216 -7.96 -34.35 -36.53
C PHE C 216 -9.27 -34.91 -37.04
N ARG C 217 -9.81 -35.89 -36.33
CA ARG C 217 -10.92 -36.66 -36.84
C ARG C 217 -12.24 -35.93 -36.64
N THR C 218 -12.21 -34.83 -35.86
CA THR C 218 -13.26 -33.82 -35.90
C THR C 218 -13.01 -32.61 -36.82
N LEU C 219 -11.76 -32.19 -37.03
CA LEU C 219 -11.50 -30.93 -37.76
C LEU C 219 -10.66 -31.20 -38.99
N GLY C 220 -10.28 -32.45 -39.17
CA GLY C 220 -9.46 -32.84 -40.32
C GLY C 220 -7.96 -32.67 -40.11
N THR C 221 -7.15 -33.41 -40.85
CA THR C 221 -5.71 -33.34 -40.65
C THR C 221 -5.18 -32.07 -41.29
N PRO C 222 -4.47 -31.25 -40.50
CA PRO C 222 -4.08 -29.92 -40.94
C PRO C 222 -2.92 -30.07 -41.87
N ASP C 223 -2.88 -29.24 -42.91
CA ASP C 223 -1.88 -29.33 -43.97
C ASP C 223 -1.37 -27.90 -44.23
N GLU C 224 -0.30 -27.77 -45.01
CA GLU C 224 0.41 -26.49 -45.14
C GLU C 224 -0.52 -25.35 -45.51
N VAL C 225 -1.61 -25.69 -46.18
CA VAL C 225 -2.58 -24.71 -46.66
C VAL C 225 -3.28 -24.03 -45.49
N VAL C 226 -3.94 -24.83 -44.64
CA VAL C 226 -4.62 -24.35 -43.45
C VAL C 226 -3.66 -23.80 -42.40
N TRP C 227 -2.48 -24.38 -42.32
CA TRP C 227 -1.55 -24.04 -41.25
C TRP C 227 -0.14 -24.01 -41.79
N PRO C 228 0.18 -22.96 -42.54
CA PRO C 228 1.49 -22.71 -43.09
C PRO C 228 2.50 -23.07 -42.06
N GLY C 229 3.20 -24.18 -42.26
CA GLY C 229 4.33 -24.55 -41.41
C GLY C 229 4.17 -25.79 -40.53
N VAL C 230 3.05 -26.48 -40.64
CA VAL C 230 2.80 -27.54 -39.69
C VAL C 230 3.61 -28.80 -39.99
N THR C 231 3.84 -29.13 -41.25
CA THR C 231 4.54 -30.37 -41.57
C THR C 231 5.98 -30.28 -41.11
N SER C 232 6.39 -29.10 -40.65
CA SER C 232 7.77 -28.84 -40.23
C SER C 232 7.84 -28.66 -38.70
N MET C 233 7.01 -29.39 -37.97
CA MET C 233 6.91 -29.24 -36.51
C MET C 233 7.47 -30.43 -35.75
N PRO C 234 8.11 -30.19 -34.61
CA PRO C 234 8.77 -31.29 -33.94
C PRO C 234 8.04 -32.63 -34.00
N ASP C 235 6.72 -32.62 -33.86
CA ASP C 235 6.02 -33.82 -33.46
C ASP C 235 5.01 -34.21 -34.53
N TYR C 236 5.05 -33.54 -35.67
CA TYR C 236 4.15 -33.90 -36.73
C TYR C 236 4.82 -35.04 -37.47
N LYS C 237 4.04 -36.04 -37.86
CA LYS C 237 4.54 -37.15 -38.66
C LYS C 237 3.83 -37.20 -40.02
N PRO C 238 4.57 -37.47 -41.09
CA PRO C 238 3.94 -37.55 -42.42
C PRO C 238 3.10 -38.81 -42.62
N SER C 239 3.15 -39.71 -41.64
CA SER C 239 2.30 -40.90 -41.62
C SER C 239 0.89 -40.64 -41.06
N PHE C 240 0.69 -39.43 -40.55
CA PHE C 240 -0.54 -39.05 -39.88
C PHE C 240 -1.68 -39.12 -40.89
N PRO C 241 -2.74 -39.90 -40.59
CA PRO C 241 -3.94 -40.11 -41.38
C PRO C 241 -4.47 -38.83 -41.98
N LYS C 242 -4.84 -38.87 -43.26
CA LYS C 242 -5.39 -37.69 -43.92
C LYS C 242 -6.91 -37.73 -43.85
N TRP C 243 -7.43 -37.34 -42.68
CA TRP C 243 -8.86 -37.18 -42.51
C TRP C 243 -9.42 -35.81 -42.91
N ALA C 244 -10.66 -35.81 -43.37
CA ALA C 244 -11.22 -34.59 -43.91
C ALA C 244 -11.95 -33.87 -42.82
N ARG C 245 -12.18 -32.60 -43.04
CA ARG C 245 -12.89 -31.86 -42.05
C ARG C 245 -14.35 -32.12 -42.35
N GLN C 246 -15.10 -32.52 -41.32
CA GLN C 246 -16.54 -32.69 -41.47
C GLN C 246 -17.36 -31.41 -41.14
N ASP C 247 -18.63 -31.38 -41.55
CA ASP C 247 -19.45 -30.16 -41.39
C ASP C 247 -19.69 -29.91 -39.91
N PHE C 248 -19.31 -28.71 -39.49
CA PHE C 248 -19.37 -28.29 -38.10
C PHE C 248 -20.79 -28.22 -37.59
N SER C 249 -21.75 -28.21 -38.51
CA SER C 249 -23.14 -28.41 -38.14
C SER C 249 -23.32 -29.82 -37.59
N LYS C 250 -22.35 -30.70 -37.81
CA LYS C 250 -22.47 -32.08 -37.33
C LYS C 250 -22.02 -32.22 -35.87
N VAL C 251 -21.16 -31.28 -35.45
CA VAL C 251 -20.40 -31.40 -34.20
C VAL C 251 -21.10 -30.68 -33.04
N VAL C 252 -21.82 -29.62 -33.38
CA VAL C 252 -22.56 -28.82 -32.42
C VAL C 252 -23.90 -28.45 -33.06
N PRO C 253 -24.74 -29.47 -33.31
CA PRO C 253 -26.06 -29.37 -33.95
C PRO C 253 -26.97 -28.37 -33.24
N PRO C 254 -26.98 -28.38 -31.91
CA PRO C 254 -27.84 -27.41 -31.21
C PRO C 254 -27.55 -25.93 -31.51
N LEU C 255 -26.45 -25.63 -32.19
CA LEU C 255 -25.95 -24.25 -32.24
C LEU C 255 -26.44 -23.54 -33.50
N ASP C 256 -26.70 -22.24 -33.35
CA ASP C 256 -27.17 -21.44 -34.47
C ASP C 256 -25.96 -21.09 -35.33
N GLU C 257 -26.14 -20.26 -36.36
CA GLU C 257 -25.08 -20.13 -37.33
C GLU C 257 -23.96 -19.30 -36.73
N ASP C 258 -24.33 -18.23 -36.02
CA ASP C 258 -23.35 -17.39 -35.37
C ASP C 258 -22.47 -18.19 -34.39
N GLY C 259 -23.08 -18.95 -33.48
CA GLY C 259 -22.30 -19.81 -32.58
C GLY C 259 -21.27 -20.66 -33.32
N ARG C 260 -21.66 -21.14 -34.50
CA ARG C 260 -20.86 -22.10 -35.23
C ARG C 260 -19.81 -21.34 -36.00
N SER C 261 -20.04 -20.08 -36.33
CA SER C 261 -18.95 -19.26 -36.84
C SER C 261 -17.87 -19.04 -35.77
N LEU C 262 -18.29 -18.65 -34.58
CA LEU C 262 -17.35 -18.28 -33.54
C LEU C 262 -16.60 -19.55 -33.17
N LEU C 263 -17.35 -20.63 -32.95
CA LEU C 263 -16.74 -21.80 -32.34
C LEU C 263 -15.63 -22.24 -33.26
N SER C 264 -15.83 -21.97 -34.53
CA SER C 264 -14.87 -22.34 -35.54
C SER C 264 -13.63 -21.43 -35.55
N GLN C 265 -13.84 -20.13 -35.46
CA GLN C 265 -12.67 -19.26 -35.35
C GLN C 265 -11.88 -19.49 -34.05
N MET C 266 -12.54 -19.95 -32.98
CA MET C 266 -11.84 -20.40 -31.76
C MET C 266 -11.04 -21.71 -31.95
N LEU C 267 -11.55 -22.63 -32.79
CA LEU C 267 -10.95 -23.94 -33.05
C LEU C 267 -10.06 -23.99 -34.29
N HIS C 268 -9.49 -22.84 -34.63
CA HIS C 268 -8.67 -22.70 -35.83
C HIS C 268 -7.25 -23.23 -35.64
N TYR C 269 -6.71 -23.97 -36.59
CA TYR C 269 -5.51 -24.75 -36.28
C TYR C 269 -4.31 -23.82 -36.11
N ASP C 270 -4.22 -22.77 -36.92
CA ASP C 270 -3.06 -21.87 -36.91
C ASP C 270 -3.25 -20.80 -35.87
N PRO C 271 -2.39 -20.80 -34.85
CA PRO C 271 -2.51 -19.85 -33.75
C PRO C 271 -2.53 -18.38 -34.16
N ASN C 272 -1.94 -18.00 -35.28
CA ASN C 272 -1.98 -16.59 -35.74
C ASN C 272 -3.36 -16.18 -36.21
N LYS C 273 -4.13 -17.19 -36.57
CA LYS C 273 -5.37 -16.94 -37.26
C LYS C 273 -6.50 -17.26 -36.29
N ARG C 274 -6.15 -17.80 -35.14
CA ARG C 274 -7.16 -18.25 -34.23
C ARG C 274 -7.55 -17.03 -33.42
N ILE C 275 -8.85 -16.76 -33.36
CA ILE C 275 -9.36 -15.47 -32.95
C ILE C 275 -8.95 -15.09 -31.53
N SER C 276 -8.71 -13.80 -31.39
CA SER C 276 -8.31 -13.17 -30.15
C SER C 276 -9.51 -13.13 -29.26
N ALA C 277 -9.28 -12.98 -27.96
CA ALA C 277 -10.38 -12.87 -27.03
C ALA C 277 -11.13 -11.60 -27.32
N LYS C 278 -10.34 -10.55 -27.56
CA LYS C 278 -10.84 -9.18 -27.73
C LYS C 278 -11.83 -9.20 -28.90
N ALA C 279 -11.42 -9.83 -30.00
CA ALA C 279 -12.24 -9.90 -31.21
C ALA C 279 -13.48 -10.75 -31.02
N ALA C 280 -13.32 -11.89 -30.37
CA ALA C 280 -14.44 -12.79 -30.20
C ALA C 280 -15.61 -12.02 -29.60
N LEU C 281 -15.30 -11.03 -28.76
CA LEU C 281 -16.32 -10.27 -28.00
C LEU C 281 -17.18 -9.42 -28.92
N ALA C 282 -16.54 -8.92 -29.97
CA ALA C 282 -17.23 -8.23 -31.06
C ALA C 282 -18.05 -9.18 -31.93
N HIS C 283 -17.89 -10.48 -31.77
CA HIS C 283 -18.58 -11.37 -32.70
C HIS C 283 -20.08 -11.34 -32.45
N PRO C 284 -20.86 -11.34 -33.54
CA PRO C 284 -22.31 -11.10 -33.51
C PRO C 284 -23.08 -12.11 -32.66
N PHE C 285 -22.49 -13.26 -32.43
CA PHE C 285 -23.12 -14.28 -31.61
C PHE C 285 -23.44 -13.64 -30.27
N PHE C 286 -22.73 -12.56 -29.94
CA PHE C 286 -22.88 -11.92 -28.64
C PHE C 286 -23.80 -10.70 -28.71
N GLN C 287 -24.31 -10.40 -29.90
CA GLN C 287 -25.17 -9.24 -30.04
C GLN C 287 -26.35 -9.27 -29.06
N ASP C 288 -27.05 -10.40 -28.90
CA ASP C 288 -28.22 -10.41 -28.05
C ASP C 288 -27.95 -10.93 -26.66
N VAL C 289 -26.70 -10.89 -26.22
CA VAL C 289 -26.38 -11.51 -24.93
C VAL C 289 -27.16 -10.94 -23.75
N THR C 290 -27.57 -11.86 -22.88
CA THR C 290 -28.38 -11.60 -21.70
C THR C 290 -27.62 -12.15 -20.49
N LYS C 291 -28.31 -12.23 -19.34
CA LYS C 291 -27.67 -12.61 -18.08
C LYS C 291 -28.66 -13.37 -17.20
N PRO C 292 -29.06 -14.57 -17.65
CA PRO C 292 -29.94 -15.43 -16.88
C PRO C 292 -29.15 -16.05 -15.76
N VAL C 293 -29.87 -16.59 -14.77
CA VAL C 293 -29.32 -17.43 -13.70
C VAL C 293 -29.31 -18.94 -13.99
N PRO C 294 -28.39 -19.67 -13.34
CA PRO C 294 -28.43 -21.12 -13.33
C PRO C 294 -29.40 -21.68 -12.28
N HIS C 295 -30.04 -22.80 -12.60
CA HIS C 295 -30.81 -23.52 -11.60
C HIS C 295 -29.86 -24.47 -10.90
N LEU C 296 -29.33 -24.07 -9.74
CA LEU C 296 -28.23 -24.83 -9.15
C LEU C 296 -28.70 -26.07 -8.39
N VAL D 2 1.23 -8.37 -34.22
CA VAL D 2 1.82 -8.27 -32.86
C VAL D 2 0.60 -8.29 -32.04
N PRO D 3 0.06 -9.50 -32.05
CA PRO D 3 -1.25 -9.72 -31.67
C PRO D 3 -2.04 -8.43 -31.59
N ASP D 4 -2.79 -8.30 -30.49
CA ASP D 4 -3.77 -7.25 -30.31
C ASP D 4 -3.21 -6.32 -29.25
N TYR D 5 -2.86 -6.92 -28.11
CA TYR D 5 -2.71 -6.19 -26.87
C TYR D 5 -1.35 -5.55 -26.87
N HIS D 6 -0.37 -6.29 -27.37
CA HIS D 6 0.98 -5.80 -27.39
C HIS D 6 1.11 -4.37 -26.92
N GLU D 7 0.54 -3.46 -27.69
CA GLU D 7 0.32 -2.11 -27.18
C GLU D 7 -0.23 -2.08 -25.75
N ASP D 8 -1.39 -2.73 -25.55
CA ASP D 8 -2.00 -2.86 -24.22
C ASP D 8 -0.93 -3.29 -23.20
N ILE D 9 -0.27 -4.41 -23.51
CA ILE D 9 0.80 -4.94 -22.69
C ILE D 9 1.92 -3.92 -22.52
N HIS D 10 2.35 -3.32 -23.62
CA HIS D 10 3.40 -2.33 -23.53
C HIS D 10 2.98 -1.22 -22.62
N THR D 11 1.76 -0.76 -22.80
CA THR D 11 1.28 0.32 -21.98
C THR D 11 1.27 -0.05 -20.50
N TYR D 12 0.85 -1.29 -20.21
CA TYR D 12 0.68 -1.84 -18.85
C TYR D 12 2.04 -2.04 -18.20
N LEU D 13 3.00 -2.59 -18.94
CA LEU D 13 4.37 -2.63 -18.50
C LEU D 13 4.96 -1.25 -18.23
N ARG D 14 4.66 -0.27 -19.06
CA ARG D 14 5.04 1.10 -18.71
C ARG D 14 4.42 1.53 -17.38
N GLU D 15 3.14 1.23 -17.17
CA GLU D 15 2.45 1.46 -15.90
C GLU D 15 3.06 0.74 -14.67
N MET D 16 3.45 -0.52 -14.83
CA MET D 16 4.02 -1.31 -13.74
C MET D 16 5.45 -0.90 -13.33
N GLU D 17 6.28 -0.58 -14.30
CA GLU D 17 7.64 -0.22 -13.98
C GLU D 17 7.68 0.98 -13.02
N VAL D 18 6.74 1.90 -13.16
CA VAL D 18 6.75 3.02 -12.22
C VAL D 18 6.57 2.50 -10.81
N LYS D 19 5.58 1.64 -10.62
CA LYS D 19 5.21 1.19 -9.28
C LYS D 19 6.19 0.17 -8.70
N CYS D 20 6.91 -0.54 -9.56
CA CYS D 20 7.81 -1.61 -9.09
C CYS D 20 9.25 -1.15 -9.01
N LYS D 21 9.43 0.14 -8.69
CA LYS D 21 10.72 0.81 -8.82
C LYS D 21 11.32 0.96 -7.45
N PRO D 22 12.59 0.54 -7.33
CA PRO D 22 13.45 0.85 -6.18
C PRO D 22 13.40 2.31 -5.73
N LYS D 23 14.03 2.61 -4.60
CA LYS D 23 14.27 4.00 -4.22
C LYS D 23 15.69 4.30 -4.69
N VAL D 24 15.91 5.42 -5.34
CA VAL D 24 17.22 5.62 -5.96
C VAL D 24 18.29 5.68 -4.88
N GLY D 25 17.95 6.36 -3.79
CA GLY D 25 18.97 6.73 -2.83
C GLY D 25 19.02 5.67 -1.77
N TYR D 26 18.91 4.40 -2.15
CA TYR D 26 18.72 3.39 -1.13
C TYR D 26 20.04 3.01 -0.51
N MET D 27 21.13 3.07 -1.27
CA MET D 27 22.37 2.42 -0.82
C MET D 27 23.11 3.28 0.16
N LYS D 28 22.77 4.56 0.11
CA LYS D 28 23.34 5.57 0.98
C LYS D 28 22.70 5.50 2.37
N LYS D 29 21.50 4.98 2.44
CA LYS D 29 20.83 4.86 3.73
C LYS D 29 20.93 3.43 4.26
N GLN D 30 21.67 2.59 3.54
CA GLN D 30 22.16 1.31 4.08
C GLN D 30 23.51 1.53 4.78
N PRO D 31 23.49 1.48 6.11
CA PRO D 31 24.65 1.59 6.98
C PRO D 31 25.78 0.70 6.52
N ASP D 32 25.54 -0.60 6.43
CA ASP D 32 26.64 -1.56 6.27
C ASP D 32 27.02 -2.04 4.86
N ILE D 33 26.26 -1.65 3.83
CA ILE D 33 26.62 -2.03 2.46
C ILE D 33 26.57 -0.85 1.47
N THR D 34 26.88 -1.18 0.21
CA THR D 34 27.60 -0.28 -0.69
C THR D 34 27.45 -0.71 -2.15
N ASN D 35 27.41 0.25 -3.05
CA ASN D 35 27.08 -0.05 -4.45
C ASN D 35 28.03 -1.16 -4.88
N SER D 36 29.28 -1.06 -4.45
CA SER D 36 30.24 -2.07 -4.85
C SER D 36 29.76 -3.45 -4.39
N MET D 37 29.57 -3.58 -3.09
CA MET D 37 29.10 -4.82 -2.50
C MET D 37 27.97 -5.44 -3.33
N ARG D 38 27.07 -4.61 -3.83
CA ARG D 38 25.99 -5.12 -4.66
C ARG D 38 26.54 -5.63 -5.99
N ALA D 39 27.34 -4.81 -6.65
CA ALA D 39 27.97 -5.22 -7.91
C ALA D 39 28.59 -6.59 -7.71
N ILE D 40 29.36 -6.73 -6.63
CA ILE D 40 30.03 -8.01 -6.36
C ILE D 40 28.98 -9.10 -6.36
N LEU D 41 27.83 -8.80 -5.75
CA LEU D 41 26.72 -9.74 -5.62
C LEU D 41 26.04 -10.07 -6.94
N VAL D 42 25.52 -9.07 -7.63
CA VAL D 42 24.80 -9.36 -8.88
C VAL D 42 25.66 -10.25 -9.77
N ASP D 43 26.89 -9.78 -9.98
CA ASP D 43 27.85 -10.50 -10.80
C ASP D 43 27.85 -11.97 -10.45
N TRP D 44 27.79 -12.24 -9.15
CA TRP D 44 27.83 -13.62 -8.72
C TRP D 44 26.57 -14.32 -9.20
N LEU D 45 25.49 -13.55 -9.27
CA LEU D 45 24.18 -14.11 -9.58
C LEU D 45 24.16 -14.48 -11.03
N VAL D 46 24.79 -13.61 -11.81
CA VAL D 46 25.14 -13.91 -13.19
C VAL D 46 25.72 -15.30 -13.36
N GLU D 47 26.76 -15.63 -12.59
CA GLU D 47 27.50 -16.87 -12.76
C GLU D 47 26.64 -18.05 -12.30
N VAL D 48 25.87 -17.84 -11.23
CA VAL D 48 24.91 -18.85 -10.77
C VAL D 48 23.89 -19.17 -11.83
N GLY D 49 23.50 -18.10 -12.54
CA GLY D 49 22.66 -18.17 -13.73
C GLY D 49 23.22 -19.08 -14.80
N GLU D 50 24.43 -18.78 -15.25
CA GLU D 50 25.01 -19.57 -16.30
C GLU D 50 25.23 -21.00 -15.84
N GLU D 51 25.63 -21.15 -14.58
CA GLU D 51 25.94 -22.47 -14.04
C GLU D 51 24.72 -23.37 -14.00
N TYR D 52 23.58 -22.83 -13.59
CA TYR D 52 22.40 -23.66 -13.50
C TYR D 52 21.56 -23.37 -14.73
N LYS D 53 22.20 -22.68 -15.68
CA LYS D 53 21.65 -22.50 -17.02
C LYS D 53 20.21 -22.06 -16.88
N LEU D 54 20.00 -20.78 -16.54
CA LEU D 54 18.69 -20.20 -16.26
C LEU D 54 18.43 -19.04 -17.23
N GLN D 55 17.16 -18.80 -17.52
CA GLN D 55 16.76 -17.73 -18.41
C GLN D 55 17.28 -16.37 -17.96
N ASN D 56 17.64 -15.51 -18.91
CA ASN D 56 18.13 -14.20 -18.57
C ASN D 56 17.07 -13.48 -17.74
N GLU D 57 15.78 -13.66 -18.01
CA GLU D 57 14.79 -12.82 -17.29
C GLU D 57 14.83 -13.12 -15.80
N THR D 58 15.14 -14.37 -15.47
CA THR D 58 15.20 -14.81 -14.10
C THR D 58 16.21 -14.03 -13.30
N LEU D 59 17.32 -13.73 -13.94
CA LEU D 59 18.36 -12.92 -13.33
C LEU D 59 17.86 -11.51 -13.14
N HIS D 60 17.25 -10.92 -14.17
CA HIS D 60 16.72 -9.53 -14.09
C HIS D 60 15.73 -9.39 -12.94
N LEU D 61 14.91 -10.40 -12.75
CA LEU D 61 13.89 -10.29 -11.76
C LEU D 61 14.63 -10.33 -10.43
N ALA D 62 15.56 -11.25 -10.29
CA ALA D 62 16.25 -11.42 -9.03
C ALA D 62 16.77 -10.06 -8.56
N VAL D 63 17.50 -9.38 -9.43
CA VAL D 63 18.04 -8.07 -9.10
C VAL D 63 16.98 -7.10 -8.64
N ASN D 64 15.86 -7.13 -9.33
CA ASN D 64 14.80 -6.18 -9.04
C ASN D 64 14.26 -6.46 -7.67
N TYR D 65 14.11 -7.73 -7.32
CA TYR D 65 13.69 -8.09 -5.97
C TYR D 65 14.73 -7.60 -4.94
N ILE D 66 15.98 -8.02 -5.07
CA ILE D 66 17.04 -7.44 -4.24
C ILE D 66 16.93 -5.92 -4.10
N ASP D 67 16.77 -5.21 -5.20
CA ASP D 67 16.83 -3.75 -5.10
C ASP D 67 15.68 -3.22 -4.29
N ARG D 68 14.63 -4.01 -4.19
CA ARG D 68 13.38 -3.53 -3.63
C ARG D 68 13.44 -3.92 -2.18
N PHE D 69 14.00 -5.09 -1.96
CA PHE D 69 14.11 -5.55 -0.61
C PHE D 69 15.09 -4.69 0.15
N LEU D 70 16.12 -4.23 -0.56
CA LEU D 70 17.15 -3.44 0.08
C LEU D 70 16.66 -2.00 0.20
N SER D 71 15.51 -1.71 -0.41
CA SER D 71 15.00 -0.36 -0.34
C SER D 71 14.25 -0.18 0.95
N SER D 72 13.98 -1.25 1.70
CA SER D 72 13.21 -1.05 2.94
C SER D 72 13.71 -1.88 4.12
N MET D 73 14.85 -2.51 3.94
CA MET D 73 15.44 -3.31 5.00
C MET D 73 16.92 -3.03 5.04
N SER D 74 17.41 -2.68 6.22
CA SER D 74 18.85 -2.65 6.46
C SER D 74 19.38 -4.04 6.60
N VAL D 75 20.54 -4.22 6.01
CA VAL D 75 21.07 -5.56 5.77
C VAL D 75 22.59 -5.52 5.93
N LEU D 76 23.10 -6.46 6.70
CA LEU D 76 24.52 -6.51 7.00
C LEU D 76 25.24 -7.28 5.92
N ARG D 77 26.50 -6.90 5.69
CA ARG D 77 27.24 -7.39 4.53
C ARG D 77 27.34 -8.90 4.55
N GLY D 78 27.28 -9.45 5.74
CA GLY D 78 27.26 -10.88 5.90
C GLY D 78 25.97 -11.59 5.57
N LYS D 79 24.89 -10.83 5.37
CA LYS D 79 23.59 -11.45 5.07
C LYS D 79 23.12 -11.07 3.67
N LEU D 80 23.89 -10.22 3.01
CA LEU D 80 23.62 -9.86 1.61
C LEU D 80 23.55 -11.02 0.61
N GLN D 81 24.49 -11.96 0.67
CA GLN D 81 24.51 -13.11 -0.25
C GLN D 81 23.30 -13.96 0.00
N LEU D 82 22.82 -13.92 1.21
CA LEU D 82 21.65 -14.71 1.57
C LEU D 82 20.41 -14.08 0.93
N VAL D 83 20.30 -12.76 1.00
CA VAL D 83 19.23 -12.01 0.35
C VAL D 83 19.24 -12.23 -1.13
N GLY D 84 20.40 -12.15 -1.75
CA GLY D 84 20.50 -12.41 -3.17
C GLY D 84 20.09 -13.84 -3.51
N THR D 85 20.54 -14.81 -2.72
CA THR D 85 20.28 -16.21 -3.00
C THR D 85 18.80 -16.56 -2.91
N ALA D 86 18.11 -16.00 -1.93
CA ALA D 86 16.67 -16.17 -1.83
C ALA D 86 16.06 -15.53 -3.03
N ALA D 87 16.40 -14.27 -3.28
CA ALA D 87 15.85 -13.51 -4.41
C ALA D 87 15.86 -14.31 -5.69
N MET D 88 17.06 -14.83 -5.99
CA MET D 88 17.28 -15.76 -7.05
C MET D 88 16.30 -16.92 -6.96
N LEU D 89 16.32 -17.61 -5.83
CA LEU D 89 15.50 -18.79 -5.68
C LEU D 89 14.10 -18.51 -6.18
N LEU D 90 13.53 -17.42 -5.65
CA LEU D 90 12.16 -16.95 -5.93
C LEU D 90 11.91 -16.65 -7.40
N ALA D 91 12.80 -15.88 -8.02
CA ALA D 91 12.75 -15.64 -9.45
C ALA D 91 12.81 -16.95 -10.26
N SER D 92 13.60 -17.90 -9.78
CA SER D 92 13.66 -19.18 -10.47
C SER D 92 12.32 -19.89 -10.39
N LYS D 93 11.66 -19.78 -9.24
CA LYS D 93 10.36 -20.37 -8.99
C LYS D 93 9.32 -19.68 -9.85
N PHE D 94 9.51 -18.38 -10.05
CA PHE D 94 8.54 -17.56 -10.77
C PHE D 94 8.60 -17.81 -12.26
N GLU D 95 9.79 -17.68 -12.83
CA GLU D 95 9.98 -17.52 -14.28
C GLU D 95 10.51 -18.77 -14.94
N GLU D 96 11.00 -19.73 -14.17
CA GLU D 96 11.46 -20.98 -14.78
C GLU D 96 10.50 -22.17 -14.69
N ILE D 97 10.70 -23.09 -15.62
CA ILE D 97 9.80 -24.20 -15.76
C ILE D 97 9.99 -25.19 -14.64
N TYR D 98 11.22 -25.64 -14.43
CA TYR D 98 11.61 -26.13 -13.13
C TYR D 98 12.83 -25.42 -12.63
N PRO D 99 12.69 -24.81 -11.46
CA PRO D 99 13.77 -24.16 -10.74
C PRO D 99 14.67 -25.23 -10.12
N PRO D 100 15.97 -24.90 -9.95
CA PRO D 100 16.94 -25.62 -9.15
C PRO D 100 16.33 -25.81 -7.79
N GLU D 101 16.66 -26.87 -7.07
CA GLU D 101 16.06 -27.08 -5.73
C GLU D 101 16.77 -26.19 -4.73
N VAL D 102 16.17 -26.02 -3.57
CA VAL D 102 16.74 -25.09 -2.60
C VAL D 102 18.17 -25.53 -2.37
N ALA D 103 18.34 -26.85 -2.30
CA ALA D 103 19.60 -27.45 -1.89
C ALA D 103 20.72 -26.90 -2.75
N GLU D 104 20.50 -26.90 -4.05
CA GLU D 104 21.45 -26.26 -4.97
C GLU D 104 21.73 -24.82 -4.57
N PHE D 105 20.69 -24.09 -4.18
CA PHE D 105 20.91 -22.68 -3.93
C PHE D 105 21.75 -22.48 -2.67
N VAL D 106 21.59 -23.42 -1.75
CA VAL D 106 22.43 -23.48 -0.56
C VAL D 106 23.87 -23.85 -0.93
N TYR D 107 23.99 -24.89 -1.75
CA TYR D 107 25.25 -25.39 -2.25
C TYR D 107 26.05 -24.32 -2.97
N ILE D 108 25.42 -23.47 -3.77
CA ILE D 108 26.22 -22.54 -4.52
C ILE D 108 26.74 -21.37 -3.67
N THR D 109 26.36 -21.34 -2.41
CA THR D 109 26.87 -20.31 -1.53
C THR D 109 28.13 -20.76 -0.81
N ASP D 110 28.49 -22.02 -1.02
CA ASP D 110 29.48 -22.72 -0.21
C ASP D 110 28.99 -22.96 1.23
N ASP D 111 27.80 -23.54 1.33
CA ASP D 111 27.24 -23.88 2.63
C ASP D 111 27.44 -22.74 3.64
N THR D 112 27.65 -21.51 3.15
CA THR D 112 27.63 -20.31 3.99
C THR D 112 26.38 -20.19 4.86
N TYR D 113 25.25 -20.59 4.29
CA TYR D 113 23.95 -20.57 4.92
C TYR D 113 23.28 -21.94 4.90
N THR D 114 22.14 -22.06 5.56
CA THR D 114 21.48 -23.34 5.63
C THR D 114 20.15 -23.33 4.86
N LYS D 115 19.71 -24.52 4.48
CA LYS D 115 18.43 -24.65 3.82
C LYS D 115 17.46 -23.80 4.63
N LYS D 116 17.35 -24.06 5.92
CA LYS D 116 16.30 -23.42 6.70
C LYS D 116 16.46 -21.89 6.62
N GLN D 117 17.70 -21.45 6.65
CA GLN D 117 18.04 -20.05 6.52
C GLN D 117 17.49 -19.38 5.25
N VAL D 118 17.84 -19.98 4.12
CA VAL D 118 17.41 -19.57 2.78
C VAL D 118 15.90 -19.66 2.59
N LEU D 119 15.31 -20.70 3.15
CA LEU D 119 13.86 -20.78 3.19
C LEU D 119 13.23 -19.65 3.98
N ARG D 120 13.78 -19.32 5.14
CA ARG D 120 13.23 -18.21 5.91
C ARG D 120 13.51 -16.89 5.22
N MET D 121 14.58 -16.82 4.43
CA MET D 121 14.78 -15.59 3.69
C MET D 121 13.79 -15.42 2.55
N GLU D 122 13.52 -16.50 1.82
CA GLU D 122 12.45 -16.54 0.82
C GLU D 122 11.22 -15.99 1.46
N HIS D 123 10.90 -16.52 2.62
CA HIS D 123 9.66 -16.09 3.23
C HIS D 123 9.66 -14.59 3.52
N LEU D 124 10.74 -14.06 4.09
CA LEU D 124 10.80 -12.61 4.34
C LEU D 124 10.72 -11.75 3.08
N VAL D 125 11.58 -12.05 2.11
CA VAL D 125 11.56 -11.37 0.82
C VAL D 125 10.13 -11.28 0.28
N LEU D 126 9.43 -12.39 0.26
CA LEU D 126 8.03 -12.36 -0.16
C LEU D 126 7.25 -11.36 0.65
N LYS D 127 7.36 -11.46 1.97
CA LYS D 127 6.64 -10.59 2.93
C LYS D 127 6.93 -9.11 2.69
N VAL D 128 8.18 -8.78 2.36
CA VAL D 128 8.59 -7.41 2.08
C VAL D 128 8.17 -6.90 0.69
N LEU D 129 8.16 -7.80 -0.28
CA LEU D 129 7.68 -7.49 -1.62
C LEU D 129 6.18 -7.47 -1.72
N THR D 130 5.49 -7.58 -0.60
CA THR D 130 4.03 -7.77 -0.67
C THR D 130 3.65 -8.77 -1.79
N PHE D 131 4.47 -9.80 -1.98
CA PHE D 131 4.22 -10.80 -3.02
C PHE D 131 4.19 -10.30 -4.47
N ASP D 132 4.33 -9.00 -4.69
CA ASP D 132 4.47 -8.49 -6.05
C ASP D 132 5.78 -8.90 -6.73
N LEU D 133 5.70 -9.91 -7.59
CA LEU D 133 6.90 -10.50 -8.14
C LEU D 133 7.01 -10.38 -9.67
N ALA D 134 5.95 -9.91 -10.32
CA ALA D 134 5.89 -9.88 -11.77
C ALA D 134 6.29 -8.51 -12.27
N ALA D 135 7.52 -8.11 -12.00
CA ALA D 135 7.92 -6.74 -12.34
C ALA D 135 8.41 -6.71 -13.77
N PRO D 136 8.14 -5.61 -14.48
CA PRO D 136 8.74 -5.33 -15.79
C PRO D 136 10.25 -5.27 -15.66
N THR D 137 10.95 -5.74 -16.67
CA THR D 137 12.40 -5.72 -16.62
C THR D 137 12.87 -5.10 -17.88
N VAL D 138 14.15 -4.74 -17.92
CA VAL D 138 14.80 -4.36 -19.17
C VAL D 138 14.69 -5.42 -20.26
N ASN D 139 15.06 -6.63 -19.86
CA ASN D 139 14.87 -7.77 -20.72
C ASN D 139 13.47 -7.86 -21.32
N GLN D 140 12.40 -7.53 -20.59
CA GLN D 140 11.06 -7.62 -21.21
C GLN D 140 10.94 -6.62 -22.36
N PHE D 141 11.41 -5.42 -22.10
CA PHE D 141 11.21 -4.32 -23.03
C PHE D 141 12.08 -4.52 -24.26
N LEU D 142 13.27 -5.04 -24.01
CA LEU D 142 14.18 -5.16 -25.11
C LEU D 142 13.47 -6.04 -26.09
N THR D 143 12.75 -7.00 -25.52
CA THR D 143 12.13 -8.04 -26.30
C THR D 143 10.96 -7.45 -27.05
N GLN D 144 10.18 -6.58 -26.40
CA GLN D 144 9.15 -5.82 -27.12
C GLN D 144 9.75 -4.98 -28.26
N TYR D 145 10.73 -4.15 -27.93
CA TYR D 145 11.37 -3.35 -28.97
C TYR D 145 11.87 -4.25 -30.11
N PHE D 146 12.45 -5.40 -29.80
CA PHE D 146 13.10 -6.14 -30.87
C PHE D 146 12.22 -6.27 -32.12
N LEU D 147 10.90 -6.31 -31.92
CA LEU D 147 9.97 -6.54 -33.01
C LEU D 147 10.14 -5.44 -34.06
N HIS D 148 10.75 -4.33 -33.69
CA HIS D 148 10.68 -3.15 -34.53
C HIS D 148 12.01 -2.96 -35.23
N GLN D 149 12.81 -4.01 -35.23
CA GLN D 149 13.97 -4.01 -36.10
C GLN D 149 13.44 -4.11 -37.50
N GLN D 150 14.22 -3.64 -38.46
CA GLN D 150 14.01 -3.95 -39.85
C GLN D 150 15.35 -3.97 -40.60
N PRO D 151 15.87 -5.17 -40.87
CA PRO D 151 15.29 -6.44 -40.46
C PRO D 151 15.86 -6.91 -39.14
N ALA D 152 15.46 -8.11 -38.71
CA ALA D 152 15.97 -8.67 -37.45
C ALA D 152 17.46 -8.76 -37.58
N ASN D 153 18.17 -8.90 -36.46
CA ASN D 153 19.61 -9.09 -36.49
C ASN D 153 20.22 -9.64 -35.21
N CYS D 154 20.75 -10.85 -35.30
CA CYS D 154 21.08 -11.62 -34.12
C CYS D 154 22.21 -11.06 -33.28
N LYS D 155 23.20 -10.43 -33.90
CA LYS D 155 24.20 -9.71 -33.10
C LYS D 155 23.48 -8.57 -32.37
N VAL D 156 22.64 -7.81 -33.06
CA VAL D 156 22.09 -6.62 -32.44
C VAL D 156 21.34 -7.02 -31.18
N GLU D 157 20.54 -8.06 -31.33
CA GLU D 157 19.73 -8.49 -30.24
C GLU D 157 20.60 -8.94 -29.08
N SER D 158 21.66 -9.67 -29.37
CA SER D 158 22.58 -10.08 -28.31
C SER D 158 23.32 -8.91 -27.69
N LEU D 159 23.79 -8.00 -28.52
CA LEU D 159 24.41 -6.81 -27.99
C LEU D 159 23.43 -6.09 -27.04
N ALA D 160 22.28 -5.73 -27.55
CA ALA D 160 21.29 -5.15 -26.67
C ALA D 160 21.24 -5.89 -25.32
N MET D 161 20.95 -7.19 -25.35
CA MET D 161 20.84 -7.98 -24.12
C MET D 161 22.03 -7.70 -23.22
N PHE D 162 23.18 -7.61 -23.85
CA PHE D 162 24.40 -7.58 -23.10
C PHE D 162 24.50 -6.24 -22.33
N LEU D 163 24.33 -5.16 -23.06
CA LEU D 163 24.34 -3.84 -22.44
C LEU D 163 23.30 -3.74 -21.35
N GLY D 164 22.17 -4.39 -21.54
CA GLY D 164 21.11 -4.44 -20.52
C GLY D 164 21.56 -5.09 -19.22
N GLU D 165 22.01 -6.34 -19.31
CA GLU D 165 22.61 -7.02 -18.14
C GLU D 165 23.79 -6.21 -17.59
N LEU D 166 24.49 -5.51 -18.46
CA LEU D 166 25.56 -4.69 -17.94
C LEU D 166 24.98 -3.70 -16.96
N SER D 167 23.86 -3.05 -17.28
CA SER D 167 23.34 -1.96 -16.45
C SER D 167 22.78 -2.53 -15.14
N LEU D 168 22.77 -3.85 -15.06
CA LEU D 168 22.30 -4.54 -13.87
C LEU D 168 23.28 -4.46 -12.73
N ILE D 169 24.53 -4.18 -13.09
CA ILE D 169 25.58 -4.34 -12.12
C ILE D 169 25.89 -3.09 -11.30
N ASP D 170 25.44 -1.94 -11.80
CA ASP D 170 25.90 -0.65 -11.32
C ASP D 170 24.72 0.26 -10.98
N ALA D 171 24.28 0.21 -9.73
CA ALA D 171 23.13 1.00 -9.27
C ALA D 171 23.41 2.50 -9.43
N ASP D 172 24.66 2.79 -9.78
CA ASP D 172 25.34 3.98 -9.33
C ASP D 172 25.24 5.12 -10.30
N PRO D 173 24.91 4.82 -11.58
CA PRO D 173 23.88 5.55 -12.31
C PRO D 173 22.57 4.81 -12.53
N TYR D 174 22.60 3.50 -12.76
CA TYR D 174 21.49 2.90 -13.50
C TYR D 174 20.13 2.90 -12.75
N LEU D 175 20.15 3.10 -11.43
CA LEU D 175 18.90 3.19 -10.69
C LEU D 175 18.13 4.49 -10.95
N LYS D 176 18.78 5.44 -11.65
CA LYS D 176 18.16 6.70 -12.04
C LYS D 176 17.10 6.43 -13.08
N TYR D 177 17.35 5.40 -13.89
CA TYR D 177 16.61 5.19 -15.13
C TYR D 177 15.59 4.06 -14.95
N LEU D 178 14.43 4.22 -15.57
CA LEU D 178 13.45 3.14 -15.71
C LEU D 178 13.90 2.06 -16.71
N PRO D 179 13.48 0.81 -16.51
CA PRO D 179 13.94 -0.23 -17.43
C PRO D 179 13.58 0.08 -18.89
N SER D 180 12.42 0.69 -19.11
CA SER D 180 11.94 0.96 -20.47
C SER D 180 12.98 1.80 -21.21
N VAL D 181 13.72 2.58 -20.43
CA VAL D 181 14.59 3.61 -20.96
C VAL D 181 15.99 3.08 -21.24
N ILE D 182 16.64 2.56 -20.20
CA ILE D 182 17.72 1.60 -20.38
C ILE D 182 17.48 0.69 -21.56
N ALA D 183 16.29 0.11 -21.64
CA ALA D 183 16.06 -0.82 -22.74
C ALA D 183 16.29 -0.08 -24.04
N GLY D 184 15.80 1.14 -24.13
CA GLY D 184 16.01 1.94 -25.32
C GLY D 184 17.51 2.17 -25.49
N ALA D 185 18.04 3.04 -24.65
CA ALA D 185 19.47 3.26 -24.57
C ALA D 185 20.23 2.05 -25.11
N ALA D 186 19.91 0.88 -24.56
CA ALA D 186 20.64 -0.32 -24.91
C ALA D 186 20.33 -0.80 -26.32
N PHE D 187 19.14 -0.48 -26.79
CA PHE D 187 18.74 -1.02 -28.08
C PHE D 187 19.35 -0.11 -29.14
N HIS D 188 19.41 1.18 -28.84
CA HIS D 188 19.97 2.06 -29.82
C HIS D 188 21.48 1.82 -29.95
N LEU D 189 22.15 1.80 -28.81
CA LEU D 189 23.55 1.47 -28.81
C LEU D 189 23.87 0.22 -29.64
N ALA D 190 23.09 -0.84 -29.53
CA ALA D 190 23.46 -2.09 -30.22
C ALA D 190 23.20 -1.90 -31.71
N LEU D 191 22.03 -1.35 -32.00
CA LEU D 191 21.66 -0.92 -33.35
C LEU D 191 22.80 -0.15 -34.00
N TYR D 192 23.26 0.87 -33.30
CA TYR D 192 24.23 1.80 -33.86
C TYR D 192 25.63 1.23 -33.99
N THR D 193 26.09 0.55 -32.97
CA THR D 193 27.33 -0.20 -33.08
C THR D 193 27.37 -1.22 -34.20
N VAL D 194 26.26 -1.90 -34.48
CA VAL D 194 26.36 -3.04 -35.37
C VAL D 194 26.06 -2.70 -36.82
N THR D 195 25.01 -1.93 -37.02
CA THR D 195 24.53 -1.62 -38.36
C THR D 195 24.57 -0.13 -38.67
N GLY D 196 24.89 0.70 -37.68
CA GLY D 196 24.88 2.15 -37.86
C GLY D 196 23.49 2.77 -37.84
N GLN D 197 22.47 1.93 -37.73
CA GLN D 197 21.11 2.46 -37.69
C GLN D 197 20.85 3.19 -36.37
N SER D 198 19.65 3.74 -36.20
CA SER D 198 19.25 4.25 -34.88
C SER D 198 17.95 3.71 -34.30
N TRP D 199 17.64 4.29 -33.15
CA TRP D 199 16.34 4.22 -32.51
C TRP D 199 15.34 4.63 -33.58
N PRO D 200 14.46 3.69 -33.99
CA PRO D 200 13.53 3.79 -35.12
C PRO D 200 12.32 4.60 -34.78
N GLU D 201 11.70 5.16 -35.82
CA GLU D 201 10.52 6.00 -35.64
C GLU D 201 9.40 5.17 -34.99
N SER D 202 9.15 3.98 -35.52
CA SER D 202 8.06 3.14 -35.01
C SER D 202 8.08 3.20 -33.49
N LEU D 203 9.29 3.14 -32.91
CA LEU D 203 9.40 2.97 -31.47
C LEU D 203 9.25 4.32 -30.80
N ILE D 204 9.87 5.32 -31.39
CA ILE D 204 9.71 6.69 -30.92
C ILE D 204 8.22 7.06 -30.84
N ARG D 205 7.42 6.53 -31.77
CA ARG D 205 6.00 6.80 -31.79
C ARG D 205 5.40 6.02 -30.64
N LYS D 206 5.67 4.71 -30.62
CA LYS D 206 5.01 3.79 -29.66
C LYS D 206 5.46 4.12 -28.24
N THR D 207 6.71 4.55 -28.05
CA THR D 207 7.23 4.69 -26.71
C THR D 207 7.16 6.10 -26.15
N GLY D 208 6.99 7.09 -27.01
CA GLY D 208 7.15 8.50 -26.60
C GLY D 208 8.58 8.96 -26.34
N TYR D 209 9.55 8.06 -26.56
CA TYR D 209 10.95 8.38 -26.37
C TYR D 209 11.66 8.81 -27.66
N THR D 210 11.71 10.12 -27.88
CA THR D 210 12.65 10.72 -28.84
C THR D 210 14.01 10.14 -28.55
N LEU D 211 14.88 10.14 -29.56
CA LEU D 211 16.28 9.79 -29.35
C LEU D 211 16.97 10.72 -28.37
N GLU D 212 16.54 11.99 -28.34
CA GLU D 212 17.19 13.03 -27.55
C GLU D 212 16.90 12.78 -26.07
N SER D 213 15.67 12.38 -25.80
CA SER D 213 15.21 12.07 -24.44
C SER D 213 16.01 10.94 -23.84
N LEU D 214 16.51 10.04 -24.67
CA LEU D 214 17.34 8.93 -24.21
C LEU D 214 18.80 9.30 -23.90
N LYS D 215 19.26 10.45 -24.39
CA LYS D 215 20.70 10.70 -24.53
C LYS D 215 21.45 10.66 -23.20
N PRO D 216 20.80 11.10 -22.11
CA PRO D 216 21.28 10.93 -20.75
C PRO D 216 21.65 9.49 -20.43
N CYS D 217 20.66 8.62 -20.55
CA CYS D 217 20.86 7.22 -20.24
C CYS D 217 21.89 6.64 -21.19
N LEU D 218 21.73 7.07 -22.44
CA LEU D 218 22.46 6.54 -23.56
C LEU D 218 23.94 6.86 -23.43
N MET D 219 24.21 7.94 -22.71
CA MET D 219 25.58 8.38 -22.45
C MET D 219 26.36 7.52 -21.45
N ASP D 220 25.81 7.40 -20.24
CA ASP D 220 26.36 6.52 -19.22
C ASP D 220 26.68 5.18 -19.86
N LEU D 221 25.63 4.59 -20.42
CA LEU D 221 25.67 3.21 -20.88
C LEU D 221 26.83 3.07 -21.90
N HIS D 222 26.96 4.08 -22.74
CA HIS D 222 28.10 4.10 -23.64
C HIS D 222 29.42 4.01 -22.89
N GLN D 223 29.56 4.82 -21.84
CA GLN D 223 30.74 4.80 -20.96
C GLN D 223 30.89 3.41 -20.39
N THR D 224 29.78 2.86 -19.92
CA THR D 224 29.83 1.56 -19.30
C THR D 224 30.35 0.57 -20.31
N TYR D 225 29.82 0.64 -21.51
CA TYR D 225 30.29 -0.21 -22.61
C TYR D 225 31.79 -0.03 -22.89
N LEU D 226 32.25 1.21 -23.01
CA LEU D 226 33.68 1.42 -23.16
C LEU D 226 34.49 0.73 -22.07
N LYS D 227 34.07 0.91 -20.82
CA LYS D 227 34.91 0.57 -19.66
C LYS D 227 34.78 -0.91 -19.27
N ALA D 228 33.80 -1.56 -19.88
CA ALA D 228 33.47 -2.94 -19.59
C ALA D 228 34.65 -3.86 -19.50
N PRO D 229 35.68 -3.67 -20.35
CA PRO D 229 36.69 -4.73 -20.34
C PRO D 229 37.58 -4.54 -19.12
N GLN D 230 37.39 -3.40 -18.46
CA GLN D 230 38.18 -3.00 -17.32
C GLN D 230 37.36 -3.11 -16.04
N HIS D 231 36.06 -3.28 -16.13
CA HIS D 231 35.23 -3.18 -14.93
C HIS D 231 35.72 -4.21 -13.91
N ALA D 232 35.61 -3.83 -12.64
CA ALA D 232 35.97 -4.70 -11.51
C ALA D 232 35.40 -6.11 -11.67
N GLN D 233 34.35 -6.20 -12.46
CA GLN D 233 33.39 -7.28 -12.38
C GLN D 233 33.27 -7.85 -13.81
N GLN D 234 33.31 -9.16 -14.00
CA GLN D 234 33.56 -9.63 -15.36
C GLN D 234 32.68 -10.76 -15.88
N SER D 235 31.78 -11.28 -15.06
CA SER D 235 31.06 -12.52 -15.38
C SER D 235 30.25 -12.43 -16.68
N ILE D 236 29.78 -11.21 -16.95
CA ILE D 236 28.90 -10.93 -18.08
C ILE D 236 29.69 -11.00 -19.38
N ARG D 237 30.72 -10.18 -19.52
CA ARG D 237 31.55 -10.24 -20.71
C ARG D 237 31.87 -11.70 -20.99
N GLU D 238 32.20 -12.40 -19.91
CA GLU D 238 32.47 -13.83 -20.02
C GLU D 238 31.27 -14.52 -20.65
N LYS D 239 30.13 -14.42 -19.98
CA LYS D 239 28.87 -14.91 -20.53
C LYS D 239 28.78 -14.66 -22.04
N TYR D 240 28.88 -13.40 -22.44
CA TYR D 240 28.42 -12.96 -23.75
C TYR D 240 29.54 -13.12 -24.77
N LYS D 241 30.54 -13.93 -24.43
CA LYS D 241 31.50 -14.41 -25.42
C LYS D 241 31.01 -15.71 -26.08
N ASN D 242 30.18 -16.50 -25.39
CA ASN D 242 29.74 -17.77 -25.96
C ASN D 242 29.26 -17.58 -27.39
N SER D 243 29.32 -18.65 -28.17
CA SER D 243 28.72 -18.63 -29.48
C SER D 243 27.21 -18.46 -29.39
N LYS D 244 26.60 -18.87 -28.28
CA LYS D 244 25.15 -18.73 -28.15
C LYS D 244 24.75 -17.28 -28.21
N TYR D 245 25.71 -16.40 -27.99
CA TYR D 245 25.41 -14.98 -28.00
C TYR D 245 26.23 -14.24 -29.05
N HIS D 246 26.85 -14.99 -29.96
CA HIS D 246 27.43 -14.41 -31.16
C HIS D 246 28.63 -13.58 -30.80
N GLY D 247 29.21 -13.83 -29.64
CA GLY D 247 30.45 -13.18 -29.24
C GLY D 247 30.32 -11.68 -29.11
N VAL D 248 29.09 -11.18 -29.07
CA VAL D 248 28.89 -9.73 -29.07
C VAL D 248 29.78 -9.02 -28.06
N SER D 249 30.31 -9.74 -27.09
CA SER D 249 31.10 -9.06 -26.05
C SER D 249 32.55 -8.81 -26.48
N LEU D 250 32.89 -9.24 -27.69
CA LEU D 250 34.25 -9.09 -28.22
C LEU D 250 34.32 -7.94 -29.22
N LEU D 251 33.33 -7.84 -30.08
CA LEU D 251 32.97 -6.59 -30.72
C LEU D 251 33.54 -5.32 -30.05
N ASN D 252 33.76 -4.31 -30.88
CA ASN D 252 34.44 -3.10 -30.46
C ASN D 252 33.44 -1.94 -30.25
N PRO D 253 33.35 -1.38 -29.04
CA PRO D 253 32.48 -0.20 -28.86
C PRO D 253 32.78 0.91 -29.85
N PRO D 254 31.78 1.70 -30.23
CA PRO D 254 32.11 3.03 -30.74
C PRO D 254 32.83 3.89 -29.72
N GLU D 255 33.68 4.77 -30.21
CA GLU D 255 34.33 5.77 -29.38
C GLU D 255 33.41 6.98 -29.21
N THR D 256 32.46 7.12 -30.14
CA THR D 256 31.45 8.17 -30.02
C THR D 256 30.12 7.73 -30.62
N LEU D 257 29.09 8.53 -30.44
CA LEU D 257 27.72 8.09 -30.62
C LEU D 257 27.07 8.92 -31.72
N ASN D 258 27.70 10.08 -31.97
CA ASN D 258 27.06 11.18 -32.69
C ASN D 258 25.80 11.73 -32.05
N LEU D 259 25.98 12.40 -30.92
CA LEU D 259 24.83 13.05 -30.30
C LEU D 259 25.23 14.49 -29.91
N ALA E 1 -33.07 7.63 20.83
CA ALA E 1 -31.62 7.69 20.94
C ALA E 1 -31.02 6.42 20.34
N ALA E 2 -29.72 6.19 20.54
CA ALA E 2 -29.18 5.49 21.71
C ALA E 2 -29.17 3.98 21.53
N ARG E 4 -30.01 0.46 20.68
CA ARG E 4 -30.70 0.13 19.45
C ARG E 4 -30.04 -1.05 18.78
N SER E 5 -30.82 -2.08 18.50
CA SER E 5 -30.30 -3.12 17.65
C SER E 5 -30.71 -2.94 16.22
N LEU E 6 -30.27 -1.86 15.55
CA LEU E 6 -30.59 -1.61 14.15
C LEU E 6 -31.05 -2.83 13.41
N ILE E 7 -32.33 -2.82 13.00
CA ILE E 7 -32.80 -3.75 11.99
C ILE E 7 -32.66 -3.11 10.66
N ALA F 1 32.33 -22.71 -10.38
CA ALA F 1 32.97 -21.65 -9.58
C ALA F 1 32.73 -20.26 -10.12
N ALA F 2 31.58 -19.61 -9.84
CA ALA F 2 30.35 -20.12 -9.23
C ALA F 2 30.42 -20.26 -7.73
N ARG F 4 30.87 -19.85 -4.46
CA ARG F 4 31.78 -19.20 -3.52
C ARG F 4 31.11 -18.58 -2.32
N SER F 5 31.84 -18.23 -1.23
CA SER F 5 31.27 -17.36 -0.21
C SER F 5 31.62 -15.92 -0.46
N LEU F 6 30.78 -15.21 -1.19
CA LEU F 6 31.01 -13.80 -1.44
C LEU F 6 31.58 -13.12 -0.24
N ILE F 7 32.81 -12.57 -0.34
CA ILE F 7 33.54 -11.88 0.72
C ILE F 7 33.50 -10.39 0.53
#